data_7K18
#
_entry.id   7K18
#
_cell.length_a   1.00
_cell.length_b   1.00
_cell.length_c   1.00
_cell.angle_alpha   90.00
_cell.angle_beta   90.00
_cell.angle_gamma   90.00
#
_symmetry.space_group_name_H-M   'P 1'
#
loop_
_entity.id
_entity.type
_entity.pdbx_description
1 polymer 'Sodium channel protein type 5 subunit alpha, Enhanced Green fluorescent protein'
2 polymer 'Alpha-like toxin Lqh3'
3 branched 2-acetamido-2-deoxy-beta-D-glucopyranose-(1-4)-2-acetamido-2-deoxy-beta-D-glucopyranose
4 branched beta-D-mannopyranose-(1-4)-2-acetamido-2-deoxy-beta-D-glucopyranose-(1-4)-2-acetamido-2-deoxy-beta-D-glucopyranose
5 non-polymer 2-acetamido-2-deoxy-beta-D-glucopyranose
6 non-polymer '[(2~{R})-1-[2-azanylethoxy(oxidanyl)phosphoryl]oxy-3-hexadecanoyloxy-propan-2-yl] (~{Z})-octadec-9-enoate'
#
loop_
_entity_poly.entity_id
_entity_poly.type
_entity_poly.pdbx_seq_one_letter_code
_entity_poly.pdbx_strand_id
1 'polypeptide(L)'
;MANLLLPRGTSSFRRFTRESLAAIEKRMAEKQARGGSATSQESREGLQEEEAPRPQLDLQASKKLPDLYGNPPRELIGEP
LEDLDPFYSTQKTFIVLNKGKTIFRFSATNALYVLSPFHPVRRAAVKILVHSLFSMLIMCTILTNCVFMAQHDPPPWTKY
VEYTFTAIYTFESLVKILARGFCLHAFTFLRDPWNWLDFSVIVMAYTTEFVDLGNVSALRTFRVLRALKTISVISGLKTI
VGALIQSVKKLADVMVLTVFCLSVFALIGLQLFMGNLRHKCVRNFTELNGTNGSVEADGLVWNSLDVYLNDPANYLLKNG
TTDVLLCGNSSDAGTCPEGYRCLKAGENPDHGYTSFDSFAWAFLALFRLMTQDCWERLYQQTLRSAGKIYMIFFMLVIFL
GSFYLVNLILAVVAMAYEEQNQATIAETEEKEKRFQEAMEMLKKEHEALTIRGVDTVSRSSARQRALSAVSVLTSALEEL
EESHRKCPPCWNRFAQHYLIWECCPLWMSIKQKVKFVVMDPFADLTITMCIVLNTLFMALEHYNMTAEFEEMLQVGNLVF
TGIFTAEMTFKIIALDPYYYFQQGWNIFDSIIVILSLMELGLSRMGNLSVLRSFRLLRVFKLAKSWPTLNTLIKIIGNSV
GALGNLTLVLAIIVFIFAVVGMQLFGKNYSELRHRISDSGLLPRWHMMDFFHAFLIIFRILCGEWIETMWDCMEVSGQSL
CLLVFLLVMVIGNLVVLNLFLALLLSSFSADNLTAPDEDGEMNNLQLALARIQRGLRFVKRTTWDFCCGILRRRPKKPAA
LATHSQLPSCITAPRSPPPPEVEKVPPARKETRFEEDKRPGQGTPGDSEPVCVPIAVAESDTEDQEEDEENGKVWWRLRK
TCYRIVEHSWFETFIIFMILLSSGALAFEDIYLEERKTIKVLLEYADKMFTYVFVLEMLLKWVAYGFKKYFTNAWCWLDF
LIVDVSLVSLVANTLGFAEMGPIKSLRTLRALRPLRALSRFEGMRVVVNALVGAIPSIMNVLLVCLIFWLIFSIMGVNLF
AGKFGRCINQTEGDLPLNYTIVNNKSECESFNVTGELYWTKVKVNFDNVGAGYLALLQVATFKGWMDIMYAAVDSRGYEE
QPQWEDNLYMYIYFVVFIIFGSFFTLNLFIGVIIDNFNQQKKKLGGQDIFMTEEQKKYYNAMKKLGSKKPQKPIPRPLNK
YQGFIFDIVTKQAFDVTIMFLICLNMVTMMVETDDQSPEKVNILAKINLLFVAIFTGECIVKMAALRHYYFTNSWNIFDF
VVVILSIVGTVLSDIIQKYFFSPTLFRVIRLARIGRILRLIRGAKGIRTLLFALMMSLPALFNIGLLLFLVMFIYSIFGM
ANFAYVKWEAGIDDMFNFQTFANSMLCLFQITTSAGWDGLLSPILNTGPPYCDPNLPNSNGSRGNCGSPAVGILFFTTYI
IISFLIVVNMYIAIILENFSVATEESTEPLSEDDFDMFYEIWEKFDPEATQFIEYLALSDFADALSEPLRIAKPNQISLI
NMDLPMVSGDRIHCMDILFAFTKRVLGESGEMDALKIQMEEKFMAANPSKISYEPITTTLEVLFQGPGSMVSKGEELFTG
VVPILVELDGDVNGHKFSVSGEGEGDATYGKLTLKFICTTGKLPVPWPTLVTTLTYGVQCFSRYPDHMKQHDFFKSAMPE
GYVQERTIFFKDDGNYKTRAEVKFEGDTLVNRIELKGIDFKEDGNILGHKLEYNYNSHNVYIMADKQKNGIKVNFKIRHN
IEDGSVQLADHYQQNTPIGDGPVLLPDNHYLSTQSALSKDPNEKRDHMVLLEFVTAAGITLGMDELYKGSDYKDDDDK
;
A
2 'polypeptide(L)' VRDGYIAQPENCVYHCFPGSSGCDTLCKEKGGTSGHCGFKVGHGLACWCNALPDNVGIIVEGEKCHS B
#
# COMPACT_ATOMS: atom_id res chain seq x y z
N VAL A 121 28.78 48.30 -26.06
CA VAL A 121 28.53 46.87 -26.06
C VAL A 121 27.58 46.50 -24.94
N ARG A 122 27.51 47.36 -23.92
CA ARG A 122 26.59 47.17 -22.82
C ARG A 122 25.14 47.22 -23.30
N ARG A 123 24.79 48.24 -24.08
CA ARG A 123 23.44 48.36 -24.60
C ARG A 123 23.11 47.21 -25.55
N ALA A 124 24.10 46.75 -26.33
CA ALA A 124 23.89 45.60 -27.18
C ALA A 124 23.60 44.35 -26.36
N ALA A 125 24.34 44.16 -25.27
CA ALA A 125 24.08 43.03 -24.38
C ALA A 125 22.68 43.10 -23.80
N VAL A 126 22.25 44.29 -23.36
CA VAL A 126 20.91 44.42 -22.78
C VAL A 126 19.84 44.11 -23.83
N LYS A 127 19.96 44.71 -25.02
CA LYS A 127 18.96 44.54 -26.05
C LYS A 127 18.93 43.13 -26.63
N ILE A 128 20.02 42.37 -26.53
CA ILE A 128 19.96 40.97 -26.92
C ILE A 128 19.46 40.09 -25.77
N LEU A 129 19.68 40.50 -24.52
CA LEU A 129 19.13 39.77 -23.39
C LEU A 129 17.61 39.83 -23.37
N VAL A 130 17.05 41.05 -23.49
CA VAL A 130 15.60 41.17 -23.50
C VAL A 130 15.00 40.58 -24.78
N HIS A 131 15.83 40.36 -25.80
CA HIS A 131 15.35 39.78 -27.05
C HIS A 131 14.95 38.32 -26.83
N SER A 132 13.93 37.90 -27.59
CA SER A 132 13.31 36.59 -27.38
C SER A 132 13.86 35.49 -28.29
N LEU A 133 14.69 35.84 -29.27
CA LEU A 133 15.22 34.81 -30.17
C LEU A 133 16.29 33.97 -29.49
N PHE A 134 17.25 34.61 -28.81
CA PHE A 134 18.33 33.85 -28.18
C PHE A 134 17.81 33.00 -27.03
N SER A 135 16.67 33.36 -26.44
CA SER A 135 16.08 32.51 -25.41
C SER A 135 15.63 31.19 -26.00
N MET A 136 14.95 31.22 -27.15
CA MET A 136 14.56 29.97 -27.81
C MET A 136 15.79 29.25 -28.38
N LEU A 137 16.83 29.99 -28.74
CA LEU A 137 18.09 29.36 -29.11
C LEU A 137 18.65 28.55 -27.95
N ILE A 138 18.65 29.15 -26.76
CA ILE A 138 19.09 28.45 -25.56
C ILE A 138 18.19 27.25 -25.28
N MET A 139 16.89 27.41 -25.51
CA MET A 139 15.96 26.30 -25.31
C MET A 139 16.33 25.11 -26.20
N CYS A 140 16.47 25.36 -27.50
CA CYS A 140 16.86 24.28 -28.42
C CYS A 140 18.23 23.72 -28.06
N THR A 141 19.14 24.57 -27.58
CA THR A 141 20.44 24.11 -27.12
C THR A 141 20.30 23.10 -26.00
N ILE A 142 19.58 23.46 -24.93
CA ILE A 142 19.36 22.56 -23.80
C ILE A 142 18.68 21.28 -24.27
N LEU A 143 17.71 21.39 -25.17
CA LEU A 143 16.96 20.20 -25.57
C LEU A 143 17.83 19.24 -26.37
N THR A 144 18.67 19.76 -27.27
CA THR A 144 19.58 18.89 -28.00
C THR A 144 20.63 18.29 -27.07
N ASN A 145 21.12 19.10 -26.13
CA ASN A 145 22.02 18.57 -25.11
C ASN A 145 21.34 17.48 -24.30
N CYS A 146 20.02 17.59 -24.12
CA CYS A 146 19.26 16.57 -23.42
C CYS A 146 19.24 15.27 -24.22
N VAL A 147 18.93 15.37 -25.52
CA VAL A 147 18.92 14.20 -26.39
C VAL A 147 20.31 13.57 -26.44
N PHE A 148 21.34 14.38 -26.19
CA PHE A 148 22.69 13.82 -26.18
C PHE A 148 23.06 13.19 -24.85
N MET A 149 22.64 13.82 -23.74
CA MET A 149 22.85 13.23 -22.42
C MET A 149 22.14 11.89 -22.30
N ALA A 150 20.85 11.85 -22.66
CA ALA A 150 20.08 10.62 -22.60
C ALA A 150 20.69 9.52 -23.45
N GLN A 151 21.63 9.86 -24.33
CA GLN A 151 22.33 8.84 -25.09
C GLN A 151 23.40 8.20 -24.23
N HIS A 152 23.42 6.88 -24.22
CA HIS A 152 24.44 6.11 -23.52
C HIS A 152 25.43 5.52 -24.51
N ASP A 153 26.67 5.38 -24.08
CA ASP A 153 27.76 4.93 -24.92
C ASP A 153 27.85 5.78 -26.19
N PRO A 154 28.06 7.09 -26.05
CA PRO A 154 28.14 7.92 -27.25
C PRO A 154 29.45 7.70 -27.98
N PRO A 155 29.47 7.93 -29.30
CA PRO A 155 30.72 7.77 -30.06
C PRO A 155 31.63 8.95 -29.85
N PRO A 156 32.92 8.82 -30.18
CA PRO A 156 33.81 10.00 -30.13
C PRO A 156 33.42 11.06 -31.13
N TRP A 157 32.59 10.74 -32.11
CA TRP A 157 31.98 11.69 -33.02
C TRP A 157 31.38 12.87 -32.27
N THR A 158 30.92 12.64 -31.03
CA THR A 158 30.23 13.67 -30.27
C THR A 158 31.16 14.53 -29.43
N LYS A 159 32.45 14.19 -29.35
CA LYS A 159 33.34 14.85 -28.40
C LYS A 159 33.44 16.36 -28.64
N TYR A 160 32.98 16.84 -29.80
CA TYR A 160 33.01 18.27 -30.06
C TYR A 160 31.63 18.92 -29.92
N VAL A 161 30.56 18.14 -29.92
CA VAL A 161 29.23 18.70 -29.67
C VAL A 161 29.18 19.27 -28.26
N GLU A 162 29.80 18.58 -27.30
CA GLU A 162 29.89 19.12 -25.95
C GLU A 162 30.68 20.42 -25.91
N TYR A 163 31.72 20.53 -26.74
CA TYR A 163 32.46 21.79 -26.82
C TYR A 163 31.56 22.91 -27.33
N THR A 164 30.79 22.64 -28.39
CA THR A 164 29.86 23.64 -28.89
C THR A 164 28.83 24.03 -27.83
N PHE A 165 28.38 23.05 -27.03
CA PHE A 165 27.40 23.33 -26.00
C PHE A 165 27.99 24.23 -24.90
N THR A 166 29.20 23.90 -24.45
CA THR A 166 29.91 24.78 -23.51
C THR A 166 30.08 26.17 -24.10
N ALA A 167 30.38 26.25 -25.39
CA ALA A 167 30.52 27.56 -26.04
C ALA A 167 29.22 28.35 -25.95
N ILE A 168 28.10 27.71 -26.23
CA ILE A 168 26.83 28.44 -26.21
C ILE A 168 26.46 28.86 -24.78
N TYR A 169 26.67 27.96 -23.81
CA TYR A 169 26.34 28.30 -22.42
C TYR A 169 27.23 29.41 -21.90
N THR A 170 28.53 29.35 -22.20
CA THR A 170 29.45 30.40 -21.79
C THR A 170 29.11 31.72 -22.48
N PHE A 171 28.66 31.65 -23.74
CA PHE A 171 28.22 32.85 -24.42
C PHE A 171 27.02 33.48 -23.71
N GLU A 172 26.05 32.65 -23.32
CA GLU A 172 24.90 33.16 -22.59
C GLU A 172 25.31 33.81 -21.28
N SER A 173 26.18 33.16 -20.51
CA SER A 173 26.65 33.73 -19.26
C SER A 173 27.36 35.06 -19.50
N LEU A 174 28.19 35.12 -20.55
CA LEU A 174 28.82 36.37 -20.94
C LEU A 174 27.77 37.45 -21.15
N VAL A 175 26.85 37.22 -22.08
CA VAL A 175 25.74 38.13 -22.38
C VAL A 175 25.10 38.63 -21.10
N LYS A 176 24.91 37.75 -20.12
CA LYS A 176 24.33 38.19 -18.85
C LYS A 176 25.23 39.19 -18.14
N ILE A 177 26.51 38.83 -17.96
CA ILE A 177 27.44 39.70 -17.26
C ILE A 177 27.52 41.07 -17.93
N LEU A 178 27.73 41.08 -19.25
CA LEU A 178 27.75 42.33 -20.00
C LEU A 178 26.44 43.08 -19.87
N ALA A 179 25.32 42.37 -19.86
CA ALA A 179 24.01 42.99 -19.76
C ALA A 179 23.84 43.76 -18.47
N ARG A 180 24.46 43.29 -17.38
CA ARG A 180 24.48 44.18 -16.21
C ARG A 180 25.59 45.22 -16.33
N GLY A 181 26.80 44.80 -16.68
CA GLY A 181 27.84 45.73 -17.06
C GLY A 181 28.50 46.50 -15.93
N PHE A 182 28.86 45.81 -14.86
CA PHE A 182 29.58 46.42 -13.73
C PHE A 182 30.18 45.29 -12.91
N CYS A 183 30.65 45.63 -11.71
CA CYS A 183 31.11 44.63 -10.75
C CYS A 183 29.98 44.22 -9.81
N LEU A 184 29.38 45.19 -9.13
CA LEU A 184 28.24 44.88 -8.28
C LEU A 184 26.99 44.57 -9.10
N HIS A 185 26.90 45.08 -10.33
CA HIS A 185 25.79 44.69 -11.20
C HIS A 185 25.94 43.25 -11.68
N ALA A 186 27.16 42.84 -12.01
CA ALA A 186 27.40 41.43 -12.33
C ALA A 186 27.19 40.57 -11.09
N PHE A 187 27.45 41.12 -9.90
CA PHE A 187 27.11 40.40 -8.69
C PHE A 187 25.61 40.33 -8.47
N THR A 188 24.87 41.30 -9.02
CA THR A 188 23.41 41.26 -8.95
C THR A 188 22.82 40.24 -9.92
N PHE A 189 23.42 40.10 -11.12
CA PHE A 189 22.92 39.13 -12.07
C PHE A 189 23.58 37.77 -11.94
N LEU A 190 24.49 37.61 -10.99
CA LEU A 190 24.82 36.29 -10.47
C LEU A 190 24.28 36.09 -9.06
N ARG A 191 23.60 37.10 -8.52
CA ARG A 191 22.89 36.94 -7.26
C ARG A 191 21.68 36.02 -7.44
N ASP A 192 21.17 35.95 -8.66
CA ASP A 192 20.00 35.12 -8.95
C ASP A 192 20.29 33.67 -8.58
N PRO A 193 19.36 33.00 -7.89
CA PRO A 193 19.62 31.61 -7.49
C PRO A 193 19.85 30.67 -8.65
N TRP A 194 19.17 30.88 -9.78
CA TRP A 194 19.29 29.98 -10.90
C TRP A 194 20.65 30.13 -11.59
N ASN A 195 21.12 31.37 -11.76
CA ASN A 195 22.35 31.60 -12.50
C ASN A 195 23.55 30.92 -11.86
N TRP A 196 23.48 30.62 -10.56
CA TRP A 196 24.50 29.79 -9.93
C TRP A 196 24.63 28.46 -10.65
N LEU A 197 23.51 27.93 -11.15
CA LEU A 197 23.54 26.65 -11.87
C LEU A 197 24.33 26.76 -13.16
N ASP A 198 24.10 27.84 -13.93
CA ASP A 198 24.85 28.03 -15.16
C ASP A 198 26.34 28.23 -14.87
N PHE A 199 26.65 29.04 -13.86
CA PHE A 199 28.05 29.21 -13.47
C PHE A 199 28.68 27.87 -13.13
N SER A 200 27.98 27.05 -12.34
CA SER A 200 28.56 25.78 -11.90
C SER A 200 28.76 24.84 -13.09
N VAL A 201 27.81 24.79 -14.01
CA VAL A 201 27.97 23.86 -15.13
C VAL A 201 29.10 24.32 -16.05
N ILE A 202 29.22 25.63 -16.30
CA ILE A 202 30.29 26.07 -17.19
C ILE A 202 31.65 25.85 -16.53
N VAL A 203 31.76 26.08 -15.23
CA VAL A 203 33.05 25.87 -14.58
C VAL A 203 33.37 24.38 -14.49
N MET A 204 32.36 23.54 -14.37
CA MET A 204 32.62 22.09 -14.35
C MET A 204 33.03 21.58 -15.72
N ALA A 205 32.43 22.14 -16.78
CA ALA A 205 32.84 21.81 -18.13
C ALA A 205 34.27 22.25 -18.38
N TYR A 206 34.62 23.46 -17.93
CA TYR A 206 35.99 23.94 -18.07
C TYR A 206 36.95 23.09 -17.26
N THR A 207 36.51 22.60 -16.10
CA THR A 207 37.30 21.67 -15.30
C THR A 207 37.60 20.41 -16.09
N THR A 208 36.55 19.68 -16.50
CA THR A 208 36.75 18.43 -17.22
C THR A 208 37.39 18.64 -18.59
N GLU A 209 37.47 19.89 -19.07
CA GLU A 209 38.17 20.16 -20.32
C GLU A 209 39.65 20.41 -20.08
N PHE A 210 39.99 21.24 -19.10
CA PHE A 210 41.36 21.69 -18.92
C PHE A 210 42.22 20.62 -18.26
N VAL A 211 41.78 20.09 -17.12
CA VAL A 211 42.52 19.10 -16.37
C VAL A 211 41.64 17.87 -16.19
N ASP A 212 42.26 16.73 -15.89
CA ASP A 212 41.52 15.49 -15.69
C ASP A 212 40.68 15.55 -14.42
N GLY A 214 42.32 12.31 -10.32
CA GLY A 214 41.82 13.39 -11.16
C GLY A 214 40.43 13.13 -11.71
N ASN A 215 40.27 12.00 -12.38
CA ASN A 215 38.99 11.62 -12.97
C ASN A 215 38.28 10.65 -12.04
N VAL A 216 37.14 11.08 -11.50
CA VAL A 216 36.33 10.25 -10.61
C VAL A 216 35.05 9.75 -11.27
N SER A 217 34.76 10.18 -12.49
CA SER A 217 33.62 9.72 -13.29
C SER A 217 32.30 10.23 -12.74
N ALA A 218 32.35 10.94 -11.62
CA ALA A 218 31.14 11.55 -11.07
C ALA A 218 30.93 12.97 -11.59
N LEU A 219 31.97 13.59 -12.15
CA LEU A 219 31.81 14.92 -12.73
C LEU A 219 31.09 14.85 -14.08
N ARG A 220 31.32 13.77 -14.84
CA ARG A 220 30.57 13.55 -16.06
C ARG A 220 29.08 13.44 -15.79
N THR A 221 28.69 12.98 -14.60
CA THR A 221 27.28 12.94 -14.23
C THR A 221 26.71 14.35 -14.11
N PHE A 222 27.50 15.28 -13.57
CA PHE A 222 27.04 16.65 -13.32
C PHE A 222 26.46 17.33 -14.54
N ARG A 223 26.71 16.81 -15.75
CA ARG A 223 26.13 17.37 -16.96
C ARG A 223 24.60 17.42 -16.90
N VAL A 224 23.98 16.59 -16.08
CA VAL A 224 22.52 16.58 -16.00
C VAL A 224 22.01 17.90 -15.43
N LEU A 225 22.83 18.61 -14.67
CA LEU A 225 22.41 19.87 -14.08
C LEU A 225 21.91 20.87 -15.12
N ARG A 226 22.39 20.78 -16.36
CA ARG A 226 21.90 21.66 -17.42
C ARG A 226 20.42 21.47 -17.67
N ALA A 227 19.92 20.23 -17.60
CA ALA A 227 18.50 19.97 -17.83
C ALA A 227 17.61 20.83 -16.95
N LEU A 228 18.14 21.27 -15.79
CA LEU A 228 17.38 22.17 -14.92
C LEU A 228 17.26 23.56 -15.53
N LYS A 229 18.19 23.96 -16.41
CA LYS A 229 18.10 25.27 -17.06
C LYS A 229 16.78 25.44 -17.80
N THR A 230 16.16 24.34 -18.22
CA THR A 230 14.83 24.40 -18.79
C THR A 230 13.84 25.06 -17.84
N ILE A 231 14.02 24.83 -16.54
CA ILE A 231 13.13 25.43 -15.55
C ILE A 231 13.34 26.94 -15.49
N SER A 232 14.56 27.41 -15.78
CA SER A 232 14.85 28.83 -15.75
C SER A 232 14.48 29.54 -17.04
N VAL A 233 14.47 28.85 -18.18
CA VAL A 233 14.20 29.53 -19.44
C VAL A 233 12.71 29.61 -19.72
N ILE A 234 11.95 28.57 -19.35
CA ILE A 234 10.50 28.60 -19.55
C ILE A 234 9.88 29.50 -18.49
N SER A 235 8.80 30.20 -18.88
CA SER A 235 8.26 31.27 -18.06
C SER A 235 7.74 30.77 -16.72
N GLY A 236 6.72 29.92 -16.71
CA GLY A 236 6.10 29.48 -15.47
C GLY A 236 6.83 28.35 -14.79
N LEU A 237 7.73 27.69 -15.53
CA LEU A 237 8.52 26.59 -14.98
C LEU A 237 9.19 26.99 -13.68
N LYS A 238 10.02 28.04 -13.71
CA LYS A 238 10.66 28.52 -12.50
C LYS A 238 9.64 28.89 -11.44
N THR A 239 8.52 29.49 -11.85
CA THR A 239 7.48 29.86 -10.88
C THR A 239 6.84 28.62 -10.29
N ILE A 240 6.60 27.60 -11.11
CA ILE A 240 6.01 26.36 -10.61
C ILE A 240 6.94 25.72 -9.58
N VAL A 241 8.21 25.55 -9.92
CA VAL A 241 9.17 24.97 -8.99
C VAL A 241 9.34 25.80 -7.72
N GLY A 242 9.33 27.12 -7.83
CA GLY A 242 9.38 27.96 -6.65
C GLY A 242 8.20 27.74 -5.74
N ALA A 243 6.99 27.77 -6.31
CA ALA A 243 5.79 27.49 -5.54
C ALA A 243 5.76 26.07 -4.98
N LEU A 244 6.52 25.15 -5.57
CA LEU A 244 6.55 23.77 -5.08
C LEU A 244 7.46 23.64 -3.87
N ILE A 245 8.62 24.30 -3.89
CA ILE A 245 9.53 24.29 -2.75
C ILE A 245 8.82 24.71 -1.48
N GLN A 246 7.87 25.64 -1.59
CA GLN A 246 7.12 26.09 -0.41
C GLN A 246 6.36 24.96 0.25
N SER A 247 5.94 23.96 -0.53
CA SER A 247 5.24 22.82 0.04
C SER A 247 6.12 22.06 1.02
N VAL A 248 7.43 22.00 0.75
CA VAL A 248 8.34 21.37 1.70
C VAL A 248 8.42 22.18 2.98
N LYS A 249 8.41 23.51 2.87
CA LYS A 249 8.36 24.36 4.06
C LYS A 249 7.05 24.20 4.82
N LYS A 250 5.98 23.81 4.15
CA LYS A 250 4.75 23.46 4.84
C LYS A 250 4.82 22.10 5.51
N LEU A 251 5.53 21.15 4.90
CA LEU A 251 5.58 19.77 5.37
C LEU A 251 6.59 19.53 6.48
N ALA A 252 7.26 20.57 6.98
CA ALA A 252 8.34 20.36 7.94
C ALA A 252 7.84 19.72 9.23
N ASP A 253 6.83 20.32 9.85
CA ASP A 253 6.36 19.83 11.15
C ASP A 253 5.74 18.45 11.03
N VAL A 254 4.98 18.21 9.97
CA VAL A 254 4.38 16.89 9.81
C VAL A 254 5.43 15.85 9.49
N MET A 255 6.53 16.26 8.85
CA MET A 255 7.63 15.32 8.63
C MET A 255 8.34 15.00 9.94
N VAL A 256 8.52 16.00 10.81
CA VAL A 256 9.03 15.72 12.16
C VAL A 256 8.11 14.73 12.87
N LEU A 257 6.80 14.96 12.76
CA LEU A 257 5.83 14.08 13.41
C LEU A 257 5.95 12.65 12.89
N THR A 258 6.05 12.49 11.56
CA THR A 258 6.04 11.13 11.02
C THR A 258 7.38 10.43 11.26
N VAL A 259 8.49 11.18 11.30
CA VAL A 259 9.74 10.52 11.63
C VAL A 259 9.75 10.15 13.12
N PHE A 260 9.10 10.96 13.96
CA PHE A 260 8.94 10.59 15.36
C PHE A 260 8.16 9.30 15.51
N CYS A 261 7.00 9.20 14.86
CA CYS A 261 6.21 7.98 14.95
C CYS A 261 6.93 6.79 14.33
N LEU A 262 7.61 7.00 13.20
CA LEU A 262 8.32 5.91 12.57
C LEU A 262 9.46 5.41 13.45
N SER A 263 10.13 6.32 14.16
CA SER A 263 11.19 5.91 15.08
C SER A 263 10.63 5.17 16.27
N VAL A 264 9.52 5.65 16.83
CA VAL A 264 8.88 4.96 17.95
C VAL A 264 8.50 3.53 17.54
N PHE A 265 7.75 3.41 16.45
CA PHE A 265 7.34 2.10 15.98
C PHE A 265 8.53 1.25 15.56
N ALA A 266 9.63 1.89 15.14
CA ALA A 266 10.84 1.14 14.82
C ALA A 266 11.47 0.57 16.08
N LEU A 267 11.43 1.32 17.17
CA LEU A 267 11.88 0.78 18.46
C LEU A 267 10.98 -0.38 18.89
N ILE A 268 9.68 -0.22 18.70
CA ILE A 268 8.74 -1.29 19.06
C ILE A 268 9.06 -2.56 18.28
N GLY A 269 9.13 -2.45 16.96
CA GLY A 269 9.44 -3.61 16.13
C GLY A 269 10.85 -4.13 16.36
N LEU A 270 11.76 -3.26 16.80
CA LEU A 270 13.11 -3.68 17.15
C LEU A 270 13.09 -4.59 18.36
N GLN A 271 12.57 -4.08 19.48
CA GLN A 271 12.47 -4.90 20.69
C GLN A 271 11.62 -6.15 20.46
N LEU A 272 10.69 -6.09 19.50
CA LEU A 272 9.82 -7.24 19.27
C LEU A 272 10.52 -8.31 18.45
N PHE A 273 11.09 -7.95 17.31
CA PHE A 273 11.66 -8.92 16.37
C PHE A 273 13.17 -8.73 16.18
N MET A 274 13.86 -8.20 17.19
CA MET A 274 15.31 -8.06 17.12
C MET A 274 15.95 -9.38 16.73
N GLY A 275 16.55 -9.42 15.54
CA GLY A 275 17.15 -10.63 15.03
C GLY A 275 16.18 -11.77 14.84
N ASN A 276 14.90 -11.46 14.70
CA ASN A 276 13.91 -12.50 14.45
C ASN A 276 13.88 -12.93 12.99
N LEU A 277 13.96 -11.98 12.07
CA LEU A 277 14.07 -12.31 10.65
C LEU A 277 15.32 -13.09 10.32
N ARG A 278 16.28 -13.18 11.26
CA ARG A 278 17.44 -14.03 11.06
C ARG A 278 17.11 -15.50 11.27
N HIS A 279 15.92 -15.81 11.78
CA HIS A 279 15.53 -17.21 11.96
C HIS A 279 15.48 -17.91 10.61
N LYS A 280 16.04 -19.11 10.56
CA LYS A 280 16.06 -19.88 9.33
C LYS A 280 15.75 -21.34 9.65
N CYS A 281 15.13 -22.02 8.69
CA CYS A 281 14.77 -23.42 8.82
C CYS A 281 16.00 -24.24 8.42
N VAL A 282 16.98 -24.27 9.32
CA VAL A 282 18.26 -24.90 9.06
C VAL A 282 18.21 -26.35 9.53
N ARG A 283 18.85 -27.23 8.76
CA ARG A 283 18.93 -28.63 9.12
C ARG A 283 19.56 -28.80 10.50
N ASN A 284 19.07 -29.77 11.26
CA ASN A 284 19.54 -29.97 12.62
C ASN A 284 20.99 -30.38 12.64
N PHE A 285 21.74 -29.86 13.62
CA PHE A 285 23.20 -29.99 13.67
C PHE A 285 23.60 -30.21 15.12
N THR A 286 24.90 -30.04 15.39
CA THR A 286 25.48 -30.18 16.73
C THR A 286 25.27 -31.59 17.29
N GLU A 287 25.89 -32.56 16.60
CA GLU A 287 25.65 -33.97 16.88
C GLU A 287 26.44 -34.49 18.08
N LEU A 288 27.78 -34.48 18.00
CA LEU A 288 28.57 -35.13 19.05
C LEU A 288 30.05 -34.79 19.01
N ASN A 289 30.57 -34.27 20.12
CA ASN A 289 32.00 -34.22 20.43
C ASN A 289 32.87 -33.87 19.23
N GLY A 290 32.62 -32.68 18.69
CA GLY A 290 33.41 -32.19 17.57
C GLY A 290 34.76 -31.60 17.93
N THR A 291 35.19 -31.75 19.18
CA THR A 291 36.43 -31.14 19.70
C THR A 291 36.50 -29.65 19.35
N ASN A 292 35.61 -28.88 19.96
CA ASN A 292 34.69 -29.34 20.99
C ASN A 292 33.32 -29.68 20.40
N GLY A 293 32.72 -28.72 19.71
CA GLY A 293 31.44 -28.91 19.07
C GLY A 293 31.44 -28.82 17.56
N SER A 294 32.61 -28.83 16.92
CA SER A 294 32.70 -28.67 15.46
C SER A 294 32.34 -29.99 14.76
N VAL A 295 31.11 -30.43 14.99
CA VAL A 295 30.60 -31.66 14.40
C VAL A 295 29.30 -31.34 13.67
N GLU A 296 29.29 -31.64 12.36
CA GLU A 296 28.10 -31.37 11.55
C GLU A 296 27.70 -32.53 10.65
N ALA A 297 28.60 -33.45 10.31
CA ALA A 297 28.27 -34.55 9.41
C ALA A 297 27.92 -35.81 10.19
N SER A 304 32.32 -24.57 14.44
CA SER A 304 30.89 -24.75 14.66
C SER A 304 30.09 -23.79 13.80
N LEU A 305 30.01 -22.52 14.25
CA LEU A 305 29.28 -21.51 13.51
C LEU A 305 29.77 -21.36 12.06
N ASP A 306 31.01 -21.78 11.79
CA ASP A 306 31.54 -21.71 10.43
C ASP A 306 30.62 -22.41 9.44
N VAL A 307 30.31 -23.68 9.69
CA VAL A 307 29.41 -24.40 8.79
C VAL A 307 27.99 -23.89 8.93
N TYR A 308 27.50 -23.66 10.16
CA TYR A 308 26.11 -23.25 10.32
C TYR A 308 25.83 -21.91 9.65
N LEU A 309 26.87 -21.17 9.26
CA LEU A 309 26.67 -19.93 8.53
C LEU A 309 26.97 -20.09 7.05
N ASN A 310 28.12 -20.68 6.70
CA ASN A 310 28.47 -20.91 5.29
C ASN A 310 27.66 -22.04 4.66
N ASP A 311 26.64 -22.54 5.33
CA ASP A 311 25.89 -23.63 4.76
C ASP A 311 24.50 -23.23 4.28
N PRO A 312 24.37 -22.09 3.55
CA PRO A 312 22.97 -21.84 3.14
C PRO A 312 22.33 -22.87 2.23
N ALA A 313 23.11 -23.58 1.40
CA ALA A 313 22.61 -24.77 0.75
C ALA A 313 22.01 -25.75 1.76
N ASN A 314 22.42 -25.67 3.02
CA ASN A 314 21.83 -26.46 4.10
C ASN A 314 20.73 -25.70 4.84
N TYR A 315 20.34 -24.52 4.34
CA TYR A 315 19.11 -23.89 4.77
C TYR A 315 17.97 -24.45 3.94
N LEU A 316 16.74 -24.06 4.27
CA LEU A 316 15.56 -24.49 3.53
C LEU A 316 14.95 -23.28 2.85
N LEU A 317 14.81 -23.37 1.53
CA LEU A 317 14.23 -22.29 0.73
C LEU A 317 12.73 -22.55 0.57
N LYS A 318 11.95 -21.48 0.64
CA LYS A 318 10.50 -21.59 0.49
C LYS A 318 10.15 -22.27 -0.82
N ASN A 319 9.30 -23.29 -0.76
CA ASN A 319 9.02 -24.11 -1.93
C ASN A 319 8.33 -23.29 -3.01
N GLY A 320 8.73 -23.51 -4.25
CA GLY A 320 8.19 -22.75 -5.37
C GLY A 320 8.77 -21.37 -5.52
N THR A 321 9.82 -21.04 -4.78
CA THR A 321 10.45 -19.72 -4.83
C THR A 321 11.91 -19.89 -4.40
N THR A 322 12.65 -18.79 -4.43
CA THR A 322 14.03 -18.74 -3.95
C THR A 322 14.09 -17.75 -2.78
N ASP A 323 13.82 -18.26 -1.58
CA ASP A 323 13.68 -17.44 -0.39
C ASP A 323 13.84 -18.34 0.83
N VAL A 324 14.73 -17.93 1.74
CA VAL A 324 14.97 -18.70 2.95
C VAL A 324 13.68 -18.79 3.75
N LEU A 325 13.42 -19.98 4.30
CA LEU A 325 12.19 -20.26 5.03
C LEU A 325 12.41 -19.95 6.51
N LEU A 326 11.72 -18.92 7.01
CA LEU A 326 11.86 -18.56 8.40
C LEU A 326 11.11 -19.56 9.30
N CYS A 327 11.20 -19.33 10.60
CA CYS A 327 10.60 -20.23 11.60
C CYS A 327 10.62 -19.51 12.93
N GLY A 328 10.18 -20.20 13.99
CA GLY A 328 10.09 -19.56 15.28
C GLY A 328 9.93 -20.52 16.44
N ASN A 329 10.39 -20.07 17.61
CA ASN A 329 10.14 -20.80 18.84
C ASN A 329 8.66 -20.91 19.15
N SER A 330 7.93 -19.80 19.02
CA SER A 330 6.55 -19.73 19.48
C SER A 330 5.68 -20.79 18.81
N SER A 331 4.58 -21.12 19.48
CA SER A 331 3.67 -22.15 18.96
C SER A 331 2.61 -21.53 18.07
N ASP A 332 3.05 -20.62 17.20
CA ASP A 332 2.24 -20.10 16.11
C ASP A 332 2.95 -20.06 14.76
N ALA A 333 4.25 -19.80 14.72
CA ALA A 333 4.93 -19.42 13.50
C ALA A 333 5.22 -20.64 12.64
N GLY A 334 6.07 -20.46 11.63
CA GLY A 334 6.33 -21.51 10.67
C GLY A 334 6.81 -22.79 11.32
N THR A 335 6.65 -23.88 10.58
CA THR A 335 6.94 -25.22 11.07
C THR A 335 7.79 -25.95 10.04
N CYS A 336 9.10 -25.93 10.24
CA CYS A 336 10.00 -26.69 9.40
C CYS A 336 9.60 -28.17 9.42
N PRO A 337 9.77 -28.87 8.31
CA PRO A 337 9.46 -30.30 8.29
C PRO A 337 10.52 -31.10 9.02
N GLU A 338 10.40 -32.43 9.00
CA GLU A 338 11.43 -33.28 9.56
C GLU A 338 12.78 -33.01 8.89
N GLY A 339 13.84 -33.21 9.66
CA GLY A 339 15.17 -32.98 9.14
C GLY A 339 15.57 -31.53 9.03
N TYR A 340 14.79 -30.62 9.63
CA TYR A 340 15.12 -29.20 9.64
C TYR A 340 14.65 -28.61 10.95
N ARG A 341 15.55 -27.90 11.62
CA ARG A 341 15.23 -27.29 12.90
C ARG A 341 15.28 -25.78 12.82
N CYS A 342 14.64 -25.13 13.79
CA CYS A 342 14.60 -23.67 13.85
C CYS A 342 15.78 -23.16 14.66
N LEU A 343 16.43 -22.11 14.18
CA LEU A 343 17.58 -21.52 14.84
C LEU A 343 17.68 -20.05 14.48
N LYS A 344 18.78 -19.42 14.92
CA LYS A 344 19.07 -18.04 14.55
C LYS A 344 20.35 -17.91 13.76
N ALA A 345 21.00 -19.03 13.41
CA ALA A 345 22.27 -19.00 12.70
C ALA A 345 22.01 -18.68 11.23
N GLY A 346 21.42 -17.53 10.99
CA GLY A 346 21.15 -17.05 9.65
C GLY A 346 22.15 -15.99 9.27
N GLU A 347 22.78 -16.19 8.11
CA GLU A 347 23.74 -15.22 7.59
C GLU A 347 23.18 -13.81 7.65
N ASN A 348 22.08 -13.57 6.95
CA ASN A 348 21.45 -12.26 6.91
C ASN A 348 20.05 -12.41 6.34
N PRO A 349 19.27 -11.33 6.29
CA PRO A 349 17.95 -11.41 5.63
C PRO A 349 18.05 -11.54 4.11
N ASP A 350 16.91 -11.44 3.42
CA ASP A 350 16.81 -11.72 1.99
C ASP A 350 18.02 -11.25 1.17
N HIS A 351 18.30 -9.95 1.21
CA HIS A 351 19.58 -9.43 0.74
C HIS A 351 20.41 -8.84 1.85
N GLY A 352 19.83 -8.68 3.04
CA GLY A 352 20.50 -8.01 4.15
C GLY A 352 19.86 -6.70 4.55
N TYR A 353 18.77 -6.28 3.91
CA TYR A 353 18.23 -4.95 4.09
C TYR A 353 16.85 -4.94 4.76
N THR A 354 16.43 -6.07 5.33
CA THR A 354 15.11 -6.13 5.95
C THR A 354 15.15 -6.41 7.45
N SER A 355 16.30 -6.82 7.99
CA SER A 355 16.42 -7.15 9.41
C SER A 355 15.80 -6.06 10.27
N PHE A 356 15.18 -6.49 11.38
CA PHE A 356 14.56 -5.56 12.31
C PHE A 356 15.50 -5.10 13.42
N ASP A 357 16.64 -5.78 13.59
CA ASP A 357 17.69 -5.29 14.45
C ASP A 357 18.33 -4.04 13.83
N SER A 358 19.23 -3.41 14.59
CA SER A 358 20.03 -2.31 14.06
C SER A 358 19.14 -1.18 13.53
N PHE A 359 18.60 -0.43 14.49
CA PHE A 359 17.49 0.50 14.32
C PHE A 359 17.46 1.26 13.00
N ALA A 360 18.60 1.48 12.37
CA ALA A 360 18.62 1.93 10.98
C ALA A 360 17.77 1.04 10.07
N TRP A 361 18.06 -0.26 10.06
CA TRP A 361 17.28 -1.18 9.23
C TRP A 361 15.81 -1.20 9.64
N ALA A 362 15.52 -1.04 10.94
CA ALA A 362 14.13 -1.05 11.37
C ALA A 362 13.40 0.21 10.90
N PHE A 363 14.10 1.34 10.88
CA PHE A 363 13.50 2.56 10.33
C PHE A 363 13.26 2.40 8.84
N LEU A 364 14.17 1.73 8.14
CA LEU A 364 13.94 1.44 6.72
C LEU A 364 12.70 0.57 6.54
N ALA A 365 12.62 -0.53 7.29
CA ALA A 365 11.49 -1.44 7.17
C ALA A 365 10.17 -0.77 7.51
N LEU A 366 10.16 0.14 8.48
CA LEU A 366 8.88 0.79 8.79
C LEU A 366 8.56 1.94 7.86
N PHE A 367 9.55 2.61 7.26
CA PHE A 367 9.23 3.49 6.15
C PHE A 367 8.60 2.70 5.00
N ARG A 368 9.11 1.49 4.77
CA ARG A 368 8.50 0.59 3.80
C ARG A 368 7.05 0.28 4.16
N LEU A 369 6.81 -0.16 5.39
CA LEU A 369 5.45 -0.42 5.87
C LEU A 369 4.56 0.81 5.81
N MET A 370 5.14 2.01 5.91
CA MET A 370 4.34 3.23 5.82
C MET A 370 4.00 3.58 4.38
N THR A 371 4.87 3.23 3.44
CA THR A 371 4.59 3.42 2.02
C THR A 371 4.02 2.17 1.37
N GLN A 372 3.80 1.11 2.15
CA GLN A 372 3.18 -0.13 1.70
C GLN A 372 3.94 -0.82 0.59
N ASP A 373 5.13 -0.36 0.25
CA ASP A 373 5.88 -0.99 -0.83
C ASP A 373 6.26 -2.41 -0.45
N CYS A 374 5.71 -3.38 -1.17
CA CYS A 374 5.98 -4.79 -0.94
C CYS A 374 5.80 -5.17 0.53
N TRP A 375 4.89 -4.48 1.22
CA TRP A 375 4.76 -4.65 2.66
C TRP A 375 4.19 -6.01 3.01
N GLU A 376 3.38 -6.60 2.13
CA GLU A 376 2.91 -7.97 2.35
C GLU A 376 4.07 -8.94 2.49
N ARG A 377 5.20 -8.66 1.83
CA ARG A 377 6.34 -9.56 1.92
C ARG A 377 6.94 -9.57 3.31
N LEU A 378 7.23 -8.38 3.85
CA LEU A 378 7.71 -8.27 5.22
C LEU A 378 6.71 -8.83 6.20
N TYR A 379 5.43 -8.58 5.97
CA TYR A 379 4.37 -9.09 6.83
C TYR A 379 4.40 -10.61 6.89
N GLN A 380 4.39 -11.26 5.73
CA GLN A 380 4.43 -12.72 5.69
C GLN A 380 5.71 -13.25 6.31
N GLN A 381 6.85 -12.60 6.06
CA GLN A 381 8.12 -13.08 6.61
C GLN A 381 8.11 -13.00 8.13
N THR A 382 7.79 -11.83 8.68
CA THR A 382 7.70 -11.69 10.12
C THR A 382 6.74 -12.70 10.73
N LEU A 383 5.49 -12.73 10.26
CA LEU A 383 4.53 -13.67 10.83
C LEU A 383 5.00 -15.11 10.70
N ARG A 384 5.80 -15.41 9.67
CA ARG A 384 6.34 -16.75 9.54
C ARG A 384 7.45 -17.00 10.54
N SER A 385 8.13 -15.94 10.99
CA SER A 385 9.23 -16.14 11.92
C SER A 385 8.79 -16.04 13.38
N ALA A 386 8.27 -14.88 13.77
CA ALA A 386 7.87 -14.67 15.17
C ALA A 386 6.63 -15.49 15.51
N GLY A 387 5.51 -15.22 14.83
CA GLY A 387 4.26 -15.88 15.13
C GLY A 387 3.04 -15.09 14.73
N LYS A 388 1.93 -15.79 14.49
CA LYS A 388 0.74 -15.16 13.91
C LYS A 388 0.14 -14.08 14.81
N ILE A 389 0.46 -14.09 16.11
CA ILE A 389 -0.15 -13.11 17.00
C ILE A 389 0.25 -11.69 16.59
N TYR A 390 1.40 -11.53 15.96
CA TYR A 390 1.91 -10.20 15.66
C TYR A 390 1.25 -9.56 14.46
N MET A 391 0.25 -10.23 13.87
CA MET A 391 -0.64 -9.51 12.98
C MET A 391 -1.29 -8.34 13.69
N ILE A 392 -1.34 -8.37 15.03
CA ILE A 392 -1.82 -7.21 15.76
C ILE A 392 -0.87 -6.03 15.59
N PHE A 393 0.42 -6.28 15.74
CA PHE A 393 1.41 -5.23 15.49
C PHE A 393 1.29 -4.72 14.07
N PHE A 394 1.25 -5.63 13.10
CA PHE A 394 1.23 -5.22 11.70
C PHE A 394 -0.04 -4.47 11.36
N MET A 395 -1.16 -4.82 12.01
CA MET A 395 -2.40 -4.13 11.72
C MET A 395 -2.46 -2.78 12.41
N LEU A 396 -1.83 -2.63 13.58
CA LEU A 396 -1.67 -1.30 14.14
C LEU A 396 -0.83 -0.42 13.22
N VAL A 397 0.25 -0.96 12.68
CA VAL A 397 1.10 -0.20 11.76
C VAL A 397 0.31 0.19 10.52
N ILE A 398 -0.32 -0.79 9.88
CA ILE A 398 -1.03 -0.54 8.62
C ILE A 398 -2.18 0.44 8.82
N PHE A 399 -3.03 0.18 9.82
CA PHE A 399 -4.23 0.97 10.01
C PHE A 399 -3.97 2.31 10.68
N LEU A 400 -2.80 2.50 11.29
CA LEU A 400 -2.44 3.77 11.88
C LEU A 400 -1.25 4.41 11.19
N GLY A 401 -0.12 3.70 11.12
CA GLY A 401 1.05 4.21 10.44
C GLY A 401 0.82 4.41 8.96
N SER A 402 0.57 3.32 8.23
CA SER A 402 0.29 3.47 6.81
C SER A 402 -0.94 4.34 6.58
N PHE A 403 -2.11 3.84 6.99
CA PHE A 403 -3.37 4.51 6.69
C PHE A 403 -3.41 5.94 7.19
N TYR A 404 -3.36 6.13 8.52
CA TYR A 404 -3.63 7.45 9.08
C TYR A 404 -2.49 8.43 8.80
N LEU A 405 -1.24 7.98 8.94
CA LEU A 405 -0.14 8.92 8.72
C LEU A 405 -0.03 9.31 7.26
N VAL A 406 -0.17 8.34 6.34
CA VAL A 406 -0.18 8.69 4.93
C VAL A 406 -1.35 9.61 4.62
N ASN A 407 -2.50 9.39 5.27
CA ASN A 407 -3.65 10.25 5.05
C ASN A 407 -3.38 11.67 5.52
N LEU A 408 -2.71 11.84 6.66
CA LEU A 408 -2.47 13.19 7.14
C LEU A 408 -1.33 13.86 6.40
N ILE A 409 -0.35 13.10 5.90
CA ILE A 409 0.60 13.65 4.94
C ILE A 409 -0.14 14.20 3.73
N LEU A 410 -1.00 13.38 3.14
CA LEU A 410 -1.80 13.83 2.01
C LEU A 410 -2.67 15.02 2.37
N ALA A 411 -3.18 15.06 3.59
CA ALA A 411 -4.07 16.14 4.00
C ALA A 411 -3.33 17.44 4.21
N VAL A 412 -2.09 17.39 4.74
CA VAL A 412 -1.34 18.62 4.89
C VAL A 412 -0.86 19.12 3.52
N VAL A 413 -0.47 18.20 2.63
CA VAL A 413 -0.15 18.63 1.27
C VAL A 413 -1.37 19.25 0.60
N ALA A 414 -2.55 18.68 0.84
CA ALA A 414 -3.76 19.19 0.20
C ALA A 414 -4.16 20.54 0.79
N MET A 415 -3.99 20.73 2.10
CA MET A 415 -4.28 22.03 2.70
C MET A 415 -3.29 23.08 2.22
N ALA A 416 -2.02 22.71 2.11
CA ALA A 416 -1.03 23.61 1.54
C ALA A 416 -1.41 24.04 0.14
N TYR A 417 -1.73 23.08 -0.73
CA TYR A 417 -2.07 23.44 -2.11
C TYR A 417 -3.39 24.19 -2.18
N GLU A 418 -4.30 23.95 -1.23
CA GLU A 418 -5.53 24.74 -1.19
C GLU A 418 -5.22 26.19 -0.86
N GLU A 419 -4.37 26.42 0.14
CA GLU A 419 -3.93 27.78 0.44
C GLU A 419 -3.23 28.41 -0.77
N GLN A 420 -2.45 27.62 -1.50
CA GLN A 420 -1.75 28.14 -2.66
C GLN A 420 -2.73 28.55 -3.75
N ASN A 421 -3.70 27.69 -4.06
CA ASN A 421 -4.71 28.04 -5.05
C ASN A 421 -5.57 29.21 -4.57
N GLN A 422 -5.67 29.38 -3.25
CA GLN A 422 -6.38 30.54 -2.71
C GLN A 422 -5.55 31.80 -2.82
N ALA A 423 -4.22 31.67 -2.90
CA ALA A 423 -3.35 32.83 -3.03
C ALA A 423 -3.62 33.64 -4.29
N THR A 424 -4.39 33.11 -5.24
CA THR A 424 -4.77 33.85 -6.44
C THR A 424 -6.23 33.62 -6.79
N GLU A 502 -22.93 24.27 -65.47
CA GLU A 502 -22.91 25.15 -64.30
C GLU A 502 -23.62 26.46 -64.61
N CYS A 503 -24.49 26.89 -63.69
CA CYS A 503 -25.22 28.14 -63.85
C CYS A 503 -25.80 28.54 -62.50
N CYS A 504 -26.21 29.80 -62.42
CA CYS A 504 -26.77 30.31 -61.16
C CYS A 504 -28.06 29.61 -60.75
N PRO A 505 -29.06 29.38 -61.62
CA PRO A 505 -30.26 28.68 -61.15
C PRO A 505 -29.98 27.27 -60.65
N LEU A 506 -29.16 26.51 -61.37
CA LEU A 506 -28.84 25.15 -60.94
C LEU A 506 -28.05 25.16 -59.65
N TRP A 507 -27.13 26.11 -59.50
CA TRP A 507 -26.36 26.20 -58.26
C TRP A 507 -27.27 26.50 -57.07
N MET A 508 -28.13 27.50 -57.20
CA MET A 508 -29.03 27.84 -56.09
C MET A 508 -30.01 26.70 -55.82
N SER A 509 -30.43 25.97 -56.85
CA SER A 509 -31.38 24.88 -56.61
C SER A 509 -30.72 23.72 -55.90
N ILE A 510 -29.51 23.34 -56.30
CA ILE A 510 -28.83 22.26 -55.59
C ILE A 510 -28.45 22.71 -54.19
N LYS A 511 -28.19 23.99 -53.98
CA LYS A 511 -27.91 24.49 -52.63
C LYS A 511 -29.16 24.36 -51.76
N GLN A 512 -30.32 24.77 -52.28
CA GLN A 512 -31.54 24.61 -51.50
C GLN A 512 -31.89 23.14 -51.30
N LYS A 513 -31.50 22.27 -52.23
CA LYS A 513 -31.75 20.85 -52.07
C LYS A 513 -30.91 20.27 -50.94
N VAL A 514 -29.62 20.60 -50.92
CA VAL A 514 -28.78 20.13 -49.81
C VAL A 514 -29.20 20.79 -48.50
N LYS A 515 -29.80 21.99 -48.56
CA LYS A 515 -30.34 22.57 -47.34
C LYS A 515 -31.56 21.81 -46.84
N PHE A 516 -32.42 21.38 -47.77
CA PHE A 516 -33.55 20.54 -47.39
C PHE A 516 -33.08 19.21 -46.83
N VAL A 517 -31.92 18.74 -47.29
CA VAL A 517 -31.31 17.58 -46.66
C VAL A 517 -30.83 17.94 -45.25
N VAL A 518 -30.25 19.12 -45.09
CA VAL A 518 -29.67 19.55 -43.82
C VAL A 518 -30.73 19.69 -42.73
N MET A 519 -31.92 20.19 -43.08
CA MET A 519 -32.90 20.47 -42.04
C MET A 519 -33.29 19.24 -41.23
N ASP A 520 -33.09 18.04 -41.79
CA ASP A 520 -33.41 16.79 -41.11
C ASP A 520 -32.16 15.94 -41.03
N PRO A 521 -31.24 16.28 -40.11
CA PRO A 521 -30.06 15.42 -39.91
C PRO A 521 -30.44 14.11 -39.25
N PHE A 522 -31.13 14.18 -38.10
CA PHE A 522 -31.60 13.02 -37.34
C PHE A 522 -30.53 11.94 -37.23
N ALA A 523 -29.27 12.36 -37.15
CA ALA A 523 -28.16 11.42 -37.19
C ALA A 523 -27.45 11.26 -35.86
N ASP A 524 -27.45 12.28 -35.01
CA ASP A 524 -26.71 12.20 -33.75
C ASP A 524 -27.08 10.96 -32.96
N LEU A 525 -28.38 10.67 -32.85
CA LEU A 525 -28.81 9.45 -32.17
C LEU A 525 -28.42 8.21 -32.97
N THR A 526 -28.68 8.22 -34.27
CA THR A 526 -28.36 7.06 -35.11
C THR A 526 -26.85 6.88 -35.22
N ILE A 527 -26.11 7.97 -35.41
CA ILE A 527 -24.65 7.85 -35.50
C ILE A 527 -24.08 7.38 -34.16
N THR A 528 -24.60 7.89 -33.04
CA THR A 528 -24.17 7.43 -31.73
C THR A 528 -24.41 5.93 -31.56
N MET A 529 -25.59 5.46 -31.99
CA MET A 529 -25.88 4.04 -31.86
C MET A 529 -25.01 3.20 -32.80
N CYS A 530 -24.68 3.72 -33.98
CA CYS A 530 -23.74 3.02 -34.85
C CYS A 530 -22.37 2.95 -34.20
N ILE A 531 -21.95 4.01 -33.52
CA ILE A 531 -20.69 3.99 -32.78
C ILE A 531 -20.71 2.89 -31.73
N VAL A 532 -21.75 2.89 -30.90
CA VAL A 532 -21.86 1.89 -29.84
C VAL A 532 -21.87 0.48 -30.43
N LEU A 533 -22.56 0.30 -31.55
CA LEU A 533 -22.58 -1.01 -32.19
C LEU A 533 -21.23 -1.38 -32.75
N ASN A 534 -20.46 -0.41 -33.25
CA ASN A 534 -19.13 -0.69 -33.77
C ASN A 534 -18.20 -1.14 -32.66
N THR A 535 -18.26 -0.46 -31.52
CA THR A 535 -17.47 -0.89 -30.37
C THR A 535 -17.89 -2.27 -29.91
N LEU A 536 -19.21 -2.48 -29.75
CA LEU A 536 -19.72 -3.80 -29.39
C LEU A 536 -19.26 -4.87 -30.38
N PHE A 537 -19.11 -4.49 -31.64
CA PHE A 537 -18.71 -5.43 -32.68
C PHE A 537 -17.24 -5.79 -32.55
N MET A 538 -16.39 -4.78 -32.46
CA MET A 538 -14.95 -5.03 -32.31
C MET A 538 -14.67 -5.78 -31.01
N ALA A 539 -15.48 -5.53 -29.97
CA ALA A 539 -15.34 -6.24 -28.71
C ALA A 539 -15.53 -7.75 -28.87
N LEU A 540 -16.24 -8.19 -29.90
CA LEU A 540 -16.48 -9.61 -30.07
C LEU A 540 -15.24 -10.34 -30.56
N GLU A 541 -14.12 -9.62 -30.66
CA GLU A 541 -12.84 -10.23 -30.95
C GLU A 541 -12.38 -11.04 -29.75
N HIS A 542 -11.65 -12.11 -30.03
CA HIS A 542 -11.07 -12.93 -28.97
C HIS A 542 -9.89 -13.69 -29.56
N TYR A 543 -9.41 -14.68 -28.80
CA TYR A 543 -8.20 -15.40 -29.19
C TYR A 543 -8.47 -16.31 -30.38
N ASN A 544 -9.32 -17.31 -30.20
CA ASN A 544 -9.57 -18.32 -31.23
C ASN A 544 -10.90 -18.00 -31.91
N MET A 545 -10.85 -17.09 -32.88
CA MET A 545 -11.97 -16.84 -33.76
C MET A 545 -11.88 -17.75 -34.97
N THR A 546 -12.99 -18.38 -35.33
CA THR A 546 -13.00 -19.19 -36.54
C THR A 546 -12.97 -18.29 -37.77
N ALA A 547 -12.41 -18.82 -38.86
CA ALA A 547 -12.11 -18.01 -40.03
C ALA A 547 -13.34 -17.26 -40.53
N GLU A 548 -14.51 -17.91 -40.51
CA GLU A 548 -15.72 -17.23 -40.94
C GLU A 548 -16.10 -16.11 -39.97
N PHE A 549 -15.80 -16.27 -38.69
CA PHE A 549 -16.10 -15.21 -37.74
C PHE A 549 -15.14 -14.03 -37.92
N GLU A 550 -13.86 -14.31 -38.21
CA GLU A 550 -12.94 -13.24 -38.57
C GLU A 550 -13.42 -12.51 -39.82
N GLU A 551 -13.92 -13.26 -40.80
CA GLU A 551 -14.44 -12.62 -42.01
C GLU A 551 -15.64 -11.74 -41.70
N MET A 552 -16.54 -12.22 -40.84
CA MET A 552 -17.69 -11.41 -40.44
C MET A 552 -17.25 -10.14 -39.72
N LEU A 553 -16.27 -10.27 -38.83
CA LEU A 553 -15.76 -9.11 -38.11
C LEU A 553 -15.16 -8.08 -39.06
N GLN A 554 -14.38 -8.55 -40.04
CA GLN A 554 -13.77 -7.62 -40.99
C GLN A 554 -14.82 -7.00 -41.90
N VAL A 555 -15.84 -7.77 -42.26
CA VAL A 555 -16.94 -7.24 -43.07
C VAL A 555 -17.64 -6.11 -42.33
N GLY A 556 -17.99 -6.34 -41.07
CA GLY A 556 -18.59 -5.29 -40.27
C GLY A 556 -17.69 -4.09 -40.10
N ASN A 557 -16.38 -4.34 -39.97
CA ASN A 557 -15.41 -3.25 -39.89
C ASN A 557 -15.50 -2.37 -41.13
N LEU A 558 -15.40 -2.97 -42.31
CA LEU A 558 -15.50 -2.22 -43.55
C LEU A 558 -16.85 -1.52 -43.67
N VAL A 559 -17.92 -2.18 -43.22
CA VAL A 559 -19.25 -1.59 -43.23
C VAL A 559 -19.26 -0.29 -42.43
N PHE A 560 -18.69 -0.32 -41.24
CA PHE A 560 -18.73 0.87 -40.40
C PHE A 560 -17.81 1.96 -40.93
N THR A 561 -16.65 1.58 -41.49
CA THR A 561 -15.84 2.56 -42.20
C THR A 561 -16.64 3.25 -43.29
N GLY A 562 -17.40 2.47 -44.08
CA GLY A 562 -18.24 3.06 -45.11
C GLY A 562 -19.29 3.99 -44.53
N ILE A 563 -19.92 3.57 -43.44
CA ILE A 563 -20.95 4.40 -42.81
C ILE A 563 -20.38 5.74 -42.38
N PHE A 564 -19.21 5.72 -41.74
CA PHE A 564 -18.66 6.98 -41.24
C PHE A 564 -18.07 7.83 -42.36
N THR A 565 -17.58 7.20 -43.43
CA THR A 565 -17.20 7.99 -44.60
C THR A 565 -18.41 8.68 -45.22
N ALA A 566 -19.52 7.95 -45.36
CA ALA A 566 -20.75 8.56 -45.84
C ALA A 566 -21.15 9.73 -44.96
N GLU A 567 -21.09 9.56 -43.65
CA GLU A 567 -21.43 10.65 -42.75
C GLU A 567 -20.51 11.84 -42.94
N MET A 568 -19.20 11.59 -43.04
CA MET A 568 -18.24 12.68 -43.20
C MET A 568 -18.50 13.46 -44.48
N THR A 569 -18.68 12.75 -45.59
CA THR A 569 -18.94 13.42 -46.86
C THR A 569 -20.26 14.20 -46.82
N PHE A 570 -21.32 13.56 -46.33
CA PHE A 570 -22.60 14.24 -46.24
C PHE A 570 -22.49 15.50 -45.39
N LYS A 571 -21.67 15.45 -44.34
CA LYS A 571 -21.57 16.58 -43.43
C LYS A 571 -20.76 17.71 -44.05
N ILE A 572 -19.67 17.38 -44.75
CA ILE A 572 -18.83 18.43 -45.31
C ILE A 572 -19.50 19.08 -46.51
N ILE A 573 -20.25 18.31 -47.29
CA ILE A 573 -20.91 18.88 -48.46
C ILE A 573 -22.28 19.47 -48.12
N ALA A 574 -22.86 19.10 -46.98
CA ALA A 574 -24.22 19.52 -46.69
C ALA A 574 -24.29 20.79 -45.85
N LEU A 575 -23.54 20.88 -44.76
CA LEU A 575 -23.69 22.03 -43.89
C LEU A 575 -22.72 23.15 -44.29
N ASP A 576 -21.42 22.90 -44.13
CA ASP A 576 -20.39 23.84 -44.59
C ASP A 576 -19.02 23.17 -44.50
N PRO A 577 -18.21 23.20 -45.56
CA PRO A 577 -16.82 22.73 -45.39
C PRO A 577 -16.01 23.59 -44.44
N TYR A 578 -16.31 24.89 -44.36
CA TYR A 578 -15.55 25.77 -43.47
C TYR A 578 -15.94 25.57 -42.01
N TYR A 579 -17.21 25.20 -41.74
CA TYR A 579 -17.60 24.89 -40.36
C TYR A 579 -16.88 23.63 -39.87
N TYR A 580 -16.81 22.60 -40.71
CA TYR A 580 -16.03 21.42 -40.40
C TYR A 580 -14.53 21.67 -40.47
N PHE A 581 -14.12 22.82 -41.01
CA PHE A 581 -12.76 23.31 -40.76
C PHE A 581 -12.65 23.95 -39.39
N GLN A 582 -13.76 24.46 -38.85
CA GLN A 582 -13.74 25.22 -37.60
C GLN A 582 -13.94 24.37 -36.37
N GLN A 583 -15.06 23.63 -36.30
CA GLN A 583 -15.46 22.97 -35.07
C GLN A 583 -14.54 21.80 -34.75
N GLY A 584 -13.82 21.91 -33.63
CA GLY A 584 -12.79 20.93 -33.31
C GLY A 584 -13.32 19.52 -33.13
N TRP A 585 -14.55 19.37 -32.62
CA TRP A 585 -15.14 18.05 -32.48
C TRP A 585 -15.20 17.34 -33.82
N ASN A 586 -15.88 17.94 -34.79
CA ASN A 586 -15.94 17.38 -36.14
C ASN A 586 -14.55 17.28 -36.76
N ILE A 587 -13.63 18.17 -36.37
CA ILE A 587 -12.26 18.06 -36.85
C ILE A 587 -11.68 16.70 -36.45
N PHE A 588 -11.76 16.37 -35.16
CA PHE A 588 -11.20 15.11 -34.69
C PHE A 588 -11.99 13.91 -35.23
N ASP A 589 -13.30 14.08 -35.45
CA ASP A 589 -14.06 13.02 -36.12
C ASP A 589 -13.50 12.74 -37.51
N SER A 590 -13.30 13.79 -38.30
CA SER A 590 -12.71 13.62 -39.62
C SER A 590 -11.31 13.03 -39.53
N ILE A 591 -10.58 13.36 -38.47
CA ILE A 591 -9.26 12.75 -38.27
C ILE A 591 -9.40 11.24 -38.09
N ILE A 592 -10.36 10.81 -37.28
CA ILE A 592 -10.60 9.37 -37.12
C ILE A 592 -10.99 8.75 -38.45
N VAL A 593 -11.76 9.47 -39.27
CA VAL A 593 -12.11 8.96 -40.59
C VAL A 593 -10.86 8.73 -41.43
N ILE A 594 -9.99 9.73 -41.49
CA ILE A 594 -8.75 9.59 -42.27
C ILE A 594 -7.91 8.45 -41.74
N LEU A 595 -7.85 8.28 -40.43
CA LEU A 595 -7.04 7.22 -39.85
C LEU A 595 -7.60 5.84 -40.21
N SER A 596 -8.91 5.67 -40.10
CA SER A 596 -9.55 4.42 -40.52
C SER A 596 -9.28 4.16 -42.00
N LEU A 597 -9.32 5.21 -42.83
CA LEU A 597 -9.09 5.04 -44.25
C LEU A 597 -7.65 4.60 -44.53
N MET A 598 -6.69 5.22 -43.85
CA MET A 598 -5.31 4.76 -43.95
C MET A 598 -5.19 3.30 -43.52
N GLU A 599 -5.92 2.91 -42.48
CA GLU A 599 -5.91 1.53 -42.02
C GLU A 599 -6.37 0.58 -43.12
N LEU A 600 -7.52 0.88 -43.74
CA LEU A 600 -8.05 -0.03 -44.76
C LEU A 600 -7.29 0.06 -46.07
N GLY A 601 -6.18 0.80 -46.11
CA GLY A 601 -5.37 0.87 -47.31
C GLY A 601 -5.21 2.28 -47.86
N SER A 609 -2.36 -4.56 -36.99
CA SER A 609 -1.64 -4.06 -35.82
C SER A 609 -2.31 -2.81 -35.26
N VAL A 610 -1.51 -1.78 -34.98
CA VAL A 610 -2.04 -0.52 -34.52
C VAL A 610 -2.87 0.18 -35.58
N LEU A 611 -2.88 -0.35 -36.80
CA LEU A 611 -3.69 0.21 -37.89
C LEU A 611 -5.15 0.36 -37.46
N ARG A 612 -5.76 -0.72 -37.00
CA ARG A 612 -7.14 -0.67 -36.54
C ARG A 612 -7.28 -0.09 -35.14
N SER A 613 -6.19 0.02 -34.38
CA SER A 613 -6.29 0.47 -33.00
C SER A 613 -6.68 1.94 -32.89
N PHE A 614 -6.85 2.64 -34.01
CA PHE A 614 -7.37 4.00 -33.95
C PHE A 614 -8.89 4.06 -33.99
N ARG A 615 -9.54 2.98 -34.44
CA ARG A 615 -10.99 2.94 -34.49
C ARG A 615 -11.61 3.29 -33.15
N LEU A 616 -11.01 2.79 -32.06
CA LEU A 616 -11.59 2.93 -30.73
C LEU A 616 -11.74 4.39 -30.30
N LEU A 617 -10.96 5.30 -30.88
CA LEU A 617 -11.12 6.72 -30.55
C LEU A 617 -12.53 7.21 -30.82
N ARG A 618 -13.26 6.56 -31.73
CA ARG A 618 -14.63 6.95 -32.02
C ARG A 618 -15.54 6.86 -30.79
N VAL A 619 -15.16 6.07 -29.79
CA VAL A 619 -15.96 5.95 -28.57
C VAL A 619 -16.23 7.32 -27.97
N PHE A 620 -15.25 8.22 -28.07
CA PHE A 620 -15.24 9.41 -27.23
C PHE A 620 -16.37 10.38 -27.54
N LYS A 621 -16.99 10.32 -28.72
CA LYS A 621 -18.07 11.25 -28.98
C LYS A 621 -19.32 10.96 -28.16
N LEU A 622 -19.40 9.81 -27.50
CA LEU A 622 -20.45 9.59 -26.51
C LEU A 622 -20.37 10.57 -25.36
N ALA A 623 -19.27 11.32 -25.23
CA ALA A 623 -19.11 12.26 -24.13
C ALA A 623 -20.17 13.35 -24.16
N LYS A 624 -20.70 13.67 -25.34
CA LYS A 624 -21.70 14.73 -25.44
C LYS A 624 -22.97 14.38 -24.68
N SER A 625 -23.40 13.11 -24.75
CA SER A 625 -24.55 12.65 -23.98
C SER A 625 -24.16 12.09 -22.62
N TRP A 626 -22.86 11.88 -22.37
CA TRP A 626 -22.37 11.27 -21.14
C TRP A 626 -21.57 12.30 -20.36
N PRO A 627 -22.21 13.09 -19.49
CA PRO A 627 -21.48 14.18 -18.82
C PRO A 627 -20.25 13.71 -18.04
N THR A 628 -20.25 12.48 -17.53
CA THR A 628 -19.11 12.03 -16.74
C THR A 628 -17.93 11.64 -17.61
N LEU A 629 -18.18 11.02 -18.78
CA LEU A 629 -17.09 10.82 -19.72
C LEU A 629 -16.54 12.15 -20.22
N ASN A 630 -17.42 13.16 -20.36
CA ASN A 630 -16.94 14.49 -20.70
C ASN A 630 -16.14 15.10 -19.57
N THR A 631 -16.43 14.72 -18.32
CA THR A 631 -15.61 15.18 -17.20
C THR A 631 -14.23 14.52 -17.22
N LEU A 632 -14.18 13.23 -17.54
CA LEU A 632 -12.89 12.57 -17.74
C LEU A 632 -12.12 13.23 -18.88
N ILE A 633 -12.82 13.67 -19.91
CA ILE A 633 -12.16 14.40 -21.01
C ILE A 633 -11.63 15.75 -20.51
N LYS A 634 -12.44 16.46 -19.71
CA LYS A 634 -11.97 17.69 -19.07
C LYS A 634 -10.70 17.45 -18.29
N ILE A 635 -10.62 16.33 -17.57
CA ILE A 635 -9.45 16.04 -16.75
C ILE A 635 -8.24 15.76 -17.63
N ILE A 636 -8.41 14.90 -18.64
CA ILE A 636 -7.28 14.60 -19.53
C ILE A 636 -6.82 15.86 -20.25
N GLY A 637 -7.72 16.80 -20.51
CA GLY A 637 -7.33 18.03 -21.17
C GLY A 637 -6.60 18.98 -20.23
N ASN A 638 -7.12 19.14 -19.02
CA ASN A 638 -6.45 19.96 -18.03
C ASN A 638 -5.08 19.39 -17.65
N SER A 639 -4.87 18.09 -17.85
CA SER A 639 -3.55 17.51 -17.64
C SER A 639 -2.47 18.19 -18.44
N VAL A 640 -2.76 18.67 -19.64
CA VAL A 640 -1.79 19.38 -20.45
C VAL A 640 -2.29 20.81 -20.68
N GLY A 641 -3.25 21.24 -19.88
CA GLY A 641 -3.80 22.57 -19.97
C GLY A 641 -3.30 23.50 -18.88
N ALA A 642 -4.17 23.85 -17.93
CA ALA A 642 -3.76 24.69 -16.82
C ALA A 642 -2.65 24.04 -16.02
N LEU A 643 -2.64 22.70 -15.97
CA LEU A 643 -1.56 21.95 -15.35
C LEU A 643 -0.55 21.43 -16.37
N GLY A 644 -0.49 22.06 -17.55
CA GLY A 644 0.46 21.63 -18.56
C GLY A 644 1.90 21.82 -18.13
N ASN A 645 2.20 22.99 -17.54
CA ASN A 645 3.56 23.25 -17.08
C ASN A 645 3.90 22.41 -15.86
N LEU A 646 2.90 22.03 -15.05
CA LEU A 646 3.17 21.12 -13.95
C LEU A 646 3.51 19.72 -14.46
N THR A 647 2.74 19.22 -15.42
CA THR A 647 3.11 17.99 -16.10
C THR A 647 4.48 18.09 -16.73
N LEU A 648 4.85 19.29 -17.22
CA LEU A 648 6.17 19.47 -17.80
C LEU A 648 7.26 19.40 -16.74
N VAL A 649 7.02 19.99 -15.57
CA VAL A 649 7.91 19.82 -14.43
C VAL A 649 8.09 18.34 -14.14
N LEU A 650 6.99 17.59 -14.12
CA LEU A 650 7.07 16.16 -13.86
C LEU A 650 7.92 15.45 -14.91
N ALA A 651 7.71 15.77 -16.19
CA ALA A 651 8.46 15.13 -17.25
C ALA A 651 9.95 15.46 -17.16
N ILE A 652 10.26 16.72 -16.88
CA ILE A 652 11.65 17.14 -16.72
C ILE A 652 12.29 16.41 -15.55
N ILE A 653 11.55 16.24 -14.45
CA ILE A 653 12.09 15.57 -13.28
C ILE A 653 12.35 14.10 -13.59
N VAL A 654 11.43 13.45 -14.28
CA VAL A 654 11.62 12.04 -14.63
C VAL A 654 12.79 11.88 -15.58
N PHE A 655 12.96 12.83 -16.51
CA PHE A 655 14.10 12.78 -17.42
C PHE A 655 15.41 12.95 -16.67
N ILE A 656 15.49 14.00 -15.84
CA ILE A 656 16.68 14.24 -15.03
C ILE A 656 17.03 13.01 -14.22
N PHE A 657 16.03 12.40 -13.59
CA PHE A 657 16.32 11.27 -12.71
C PHE A 657 16.71 10.04 -13.51
N ALA A 658 16.08 9.83 -14.67
CA ALA A 658 16.46 8.69 -15.50
C ALA A 658 17.90 8.80 -15.95
N VAL A 659 18.31 9.98 -16.41
CA VAL A 659 19.68 10.13 -16.88
C VAL A 659 20.69 10.19 -15.73
N VAL A 660 20.29 10.75 -14.58
CA VAL A 660 21.16 10.72 -13.40
C VAL A 660 21.42 9.29 -12.98
N GLY A 661 20.36 8.49 -12.87
CA GLY A 661 20.52 7.10 -12.51
C GLY A 661 21.33 6.34 -13.54
N MET A 662 21.11 6.63 -14.83
CA MET A 662 21.82 5.89 -15.85
C MET A 662 23.31 6.20 -15.81
N GLN A 663 23.68 7.48 -15.65
CA GLN A 663 25.09 7.82 -15.51
C GLN A 663 25.68 7.18 -14.24
N LEU A 664 25.05 7.42 -13.09
CA LEU A 664 25.60 6.95 -11.82
C LEU A 664 25.66 5.43 -11.72
N PHE A 665 24.84 4.70 -12.49
CA PHE A 665 24.66 3.29 -12.23
C PHE A 665 24.79 2.37 -13.43
N GLY A 666 25.00 2.88 -14.65
CA GLY A 666 24.96 2.00 -15.80
C GLY A 666 26.16 1.09 -15.90
N LYS A 667 27.35 1.63 -15.63
CA LYS A 667 28.54 0.80 -15.65
C LYS A 667 28.46 -0.30 -14.61
N ASN A 668 27.99 0.04 -13.40
CA ASN A 668 27.84 -0.97 -12.36
C ASN A 668 26.78 -1.99 -12.73
N TYR A 669 25.64 -1.54 -13.27
CA TYR A 669 24.59 -2.44 -13.71
C TYR A 669 25.10 -3.42 -14.75
N SER A 670 25.92 -2.95 -15.69
CA SER A 670 26.39 -3.80 -16.77
C SER A 670 27.52 -4.73 -16.33
N GLU A 671 28.36 -4.27 -15.41
CA GLU A 671 29.48 -5.09 -14.95
C GLU A 671 29.08 -6.08 -13.87
N LEU A 672 28.18 -5.70 -12.99
CA LEU A 672 27.71 -6.56 -11.90
C LEU A 672 26.35 -7.17 -12.19
N ARG A 673 26.07 -7.48 -13.45
CA ARG A 673 24.83 -8.18 -13.80
C ARG A 673 24.76 -9.54 -13.13
N HIS A 674 25.90 -10.23 -13.01
CA HIS A 674 25.93 -11.59 -12.51
C HIS A 674 25.29 -11.73 -11.13
N ARG A 675 25.38 -10.69 -10.31
CA ARG A 675 24.84 -10.73 -8.95
C ARG A 675 23.51 -10.01 -8.83
N ILE A 676 22.81 -9.77 -9.93
CA ILE A 676 21.55 -9.06 -9.88
C ILE A 676 20.48 -9.82 -10.66
N SER A 677 20.89 -10.89 -11.33
CA SER A 677 19.97 -11.72 -12.12
C SER A 677 20.43 -13.16 -12.06
N ASP A 678 19.49 -14.09 -11.89
CA ASP A 678 19.84 -15.50 -11.73
C ASP A 678 20.22 -16.13 -13.06
N SER A 679 19.27 -16.21 -13.99
CA SER A 679 19.58 -16.67 -15.33
C SER A 679 20.38 -15.60 -16.06
N GLY A 680 21.66 -15.88 -16.34
CA GLY A 680 22.56 -14.82 -16.74
C GLY A 680 22.11 -14.07 -17.98
N LEU A 681 21.57 -12.88 -17.74
CA LEU A 681 21.01 -11.98 -18.74
C LEU A 681 20.86 -10.63 -18.06
N LEU A 682 20.27 -9.69 -18.77
CA LEU A 682 19.88 -8.44 -18.16
C LEU A 682 18.78 -8.69 -17.13
N PRO A 683 18.64 -7.79 -16.16
CA PRO A 683 17.44 -7.79 -15.32
C PRO A 683 16.29 -7.10 -16.04
N ARG A 684 15.06 -7.51 -15.69
CA ARG A 684 13.90 -6.87 -16.29
C ARG A 684 13.81 -5.39 -15.94
N TRP A 685 14.56 -4.94 -14.95
CA TRP A 685 14.59 -3.52 -14.58
C TRP A 685 16.05 -3.16 -14.29
N HIS A 686 16.58 -2.19 -15.02
CA HIS A 686 17.90 -1.66 -14.81
C HIS A 686 17.96 -0.24 -15.32
N MET A 687 19.17 0.34 -15.33
CA MET A 687 19.35 1.73 -15.73
C MET A 687 20.48 1.89 -16.74
N MET A 688 20.82 0.83 -17.48
CA MET A 688 21.84 0.98 -18.51
C MET A 688 21.34 1.86 -19.65
N ASP A 689 20.26 1.45 -20.29
CA ASP A 689 19.65 2.27 -21.33
C ASP A 689 18.92 3.46 -20.71
N PHE A 690 18.33 4.30 -21.56
CA PHE A 690 17.50 5.38 -21.03
C PHE A 690 16.04 4.97 -20.93
N PHE A 691 15.58 4.09 -21.82
CA PHE A 691 14.21 3.58 -21.70
C PHE A 691 14.04 2.85 -20.38
N HIS A 692 14.96 1.96 -20.06
CA HIS A 692 14.85 1.19 -18.81
C HIS A 692 14.99 2.10 -17.59
N ALA A 693 15.80 3.15 -17.69
CA ALA A 693 15.90 4.08 -16.57
C ALA A 693 14.61 4.86 -16.39
N PHE A 694 13.98 5.25 -17.51
CA PHE A 694 12.66 5.84 -17.42
C PHE A 694 11.67 4.87 -16.78
N LEU A 695 11.80 3.59 -17.09
CA LEU A 695 10.90 2.59 -16.51
C LEU A 695 11.12 2.45 -15.01
N ILE A 696 12.38 2.47 -14.57
CA ILE A 696 12.68 2.41 -13.15
C ILE A 696 12.09 3.62 -12.43
N ILE A 697 12.29 4.81 -12.99
CA ILE A 697 11.72 6.00 -12.37
C ILE A 697 10.19 5.92 -12.36
N PHE A 698 9.60 5.33 -13.39
CA PHE A 698 8.14 5.17 -13.42
C PHE A 698 7.68 4.25 -12.29
N ARG A 699 8.26 3.05 -12.21
CA ARG A 699 8.02 2.14 -11.10
C ARG A 699 8.08 2.87 -9.77
N ILE A 700 9.18 3.58 -9.51
CA ILE A 700 9.31 4.33 -8.26
C ILE A 700 8.16 5.32 -8.10
N LEU A 701 7.69 5.90 -9.20
CA LEU A 701 6.58 6.83 -9.12
C LEU A 701 5.28 6.13 -8.75
N CYS A 702 5.15 4.86 -9.14
CA CYS A 702 3.95 4.09 -8.84
C CYS A 702 3.95 3.52 -7.44
N GLY A 703 5.10 3.43 -6.79
CA GLY A 703 5.19 2.95 -5.43
C GLY A 703 6.02 1.69 -5.23
N GLU A 704 6.67 1.19 -6.27
CA GLU A 704 7.41 -0.07 -6.19
C GLU A 704 8.90 0.24 -6.34
N TRP A 705 9.55 0.57 -5.23
CA TRP A 705 10.94 0.98 -5.26
C TRP A 705 11.87 0.11 -4.42
N ILE A 706 11.38 -0.49 -3.34
CA ILE A 706 12.26 -1.28 -2.48
C ILE A 706 12.82 -2.48 -3.22
N GLU A 707 12.04 -3.05 -4.13
CA GLU A 707 12.47 -4.27 -4.81
C GLU A 707 13.46 -4.00 -5.93
N THR A 708 13.58 -2.76 -6.38
CA THR A 708 14.66 -2.37 -7.28
C THR A 708 15.75 -1.59 -6.58
N MET A 709 15.44 -0.92 -5.48
CA MET A 709 16.48 -0.35 -4.65
C MET A 709 17.37 -1.44 -4.07
N TRP A 710 16.81 -2.59 -3.71
CA TRP A 710 17.63 -3.71 -3.27
C TRP A 710 18.62 -4.11 -4.36
N ASP A 711 18.15 -4.16 -5.61
CA ASP A 711 19.03 -4.51 -6.72
C ASP A 711 20.14 -3.49 -6.89
N CYS A 712 19.76 -2.20 -6.97
CA CYS A 712 20.75 -1.15 -7.19
C CYS A 712 21.76 -1.07 -6.04
N MET A 713 21.33 -1.33 -4.81
CA MET A 713 22.25 -1.36 -3.68
C MET A 713 23.11 -2.62 -3.66
N GLU A 714 22.60 -3.72 -4.20
CA GLU A 714 23.42 -4.92 -4.34
C GLU A 714 24.42 -4.78 -5.47
N VAL A 715 24.24 -3.81 -6.35
CA VAL A 715 25.14 -3.57 -7.46
C VAL A 715 26.06 -2.37 -7.20
N SER A 716 25.49 -1.27 -6.73
CA SER A 716 26.28 -0.05 -6.56
C SER A 716 26.82 0.11 -5.13
N GLY A 717 25.92 0.16 -4.15
CA GLY A 717 26.33 0.42 -2.78
C GLY A 717 25.28 1.18 -1.98
N GLN A 718 25.20 0.87 -0.68
CA GLN A 718 24.16 1.43 0.18
C GLN A 718 24.02 2.95 0.06
N SER A 719 25.12 3.68 0.21
CA SER A 719 25.05 5.12 0.42
C SER A 719 24.43 5.84 -0.78
N LEU A 720 25.09 5.74 -1.94
CA LEU A 720 24.66 6.49 -3.10
C LEU A 720 23.29 6.04 -3.59
N CYS A 721 23.09 4.74 -3.69
CA CYS A 721 21.81 4.21 -4.16
C CYS A 721 20.68 4.61 -3.23
N LEU A 722 20.88 4.45 -1.92
CA LEU A 722 19.88 4.89 -0.95
C LEU A 722 19.56 6.36 -1.13
N LEU A 723 20.59 7.20 -1.25
CA LEU A 723 20.37 8.63 -1.43
C LEU A 723 19.50 8.91 -2.64
N VAL A 724 19.88 8.35 -3.80
CA VAL A 724 19.19 8.71 -5.03
C VAL A 724 17.78 8.14 -5.04
N PHE A 725 17.60 6.91 -4.54
CA PHE A 725 16.27 6.30 -4.58
C PHE A 725 15.33 6.95 -3.58
N LEU A 726 15.83 7.29 -2.39
CA LEU A 726 15.00 8.06 -1.46
C LEU A 726 14.66 9.42 -2.04
N LEU A 727 15.61 10.04 -2.74
CA LEU A 727 15.35 11.35 -3.32
C LEU A 727 14.30 11.28 -4.40
N VAL A 728 14.39 10.29 -5.30
CA VAL A 728 13.40 10.18 -6.35
C VAL A 728 12.05 9.79 -5.77
N MET A 729 12.04 8.88 -4.79
CA MET A 729 10.79 8.56 -4.09
C MET A 729 10.13 9.84 -3.59
N VAL A 730 10.84 10.60 -2.76
CA VAL A 730 10.24 11.78 -2.13
C VAL A 730 9.80 12.80 -3.18
N ILE A 731 10.73 13.22 -4.04
CA ILE A 731 10.44 14.31 -4.97
C ILE A 731 9.41 13.88 -6.01
N GLY A 732 9.61 12.72 -6.63
CA GLY A 732 8.67 12.24 -7.63
C GLY A 732 7.28 12.02 -7.07
N ASN A 733 7.17 11.37 -5.91
CA ASN A 733 5.86 11.18 -5.33
C ASN A 733 5.26 12.51 -4.91
N LEU A 734 6.08 13.49 -4.54
CA LEU A 734 5.56 14.81 -4.20
C LEU A 734 4.98 15.49 -5.43
N VAL A 735 5.68 15.44 -6.56
CA VAL A 735 5.18 16.12 -7.75
C VAL A 735 3.99 15.36 -8.33
N VAL A 736 3.97 14.04 -8.20
CA VAL A 736 2.82 13.27 -8.65
C VAL A 736 1.60 13.60 -7.78
N LEU A 737 1.80 13.73 -6.47
CA LEU A 737 0.71 14.14 -5.60
C LEU A 737 0.24 15.55 -5.94
N ASN A 738 1.17 16.45 -6.27
CA ASN A 738 0.77 17.80 -6.62
C ASN A 738 -0.04 17.83 -7.90
N LEU A 739 0.37 17.02 -8.89
CA LEU A 739 -0.40 16.94 -10.13
C LEU A 739 -1.79 16.37 -9.88
N PHE A 740 -1.86 15.26 -9.14
CA PHE A 740 -3.14 14.68 -8.75
C PHE A 740 -4.05 15.71 -8.10
N LEU A 741 -3.56 16.39 -7.07
CA LEU A 741 -4.37 17.33 -6.32
C LEU A 741 -4.75 18.54 -7.17
N ALA A 742 -3.86 18.97 -8.07
CA ALA A 742 -4.17 20.09 -8.94
C ALA A 742 -5.28 19.72 -9.91
N LEU A 743 -5.19 18.53 -10.51
CA LEU A 743 -6.26 18.03 -11.36
C LEU A 743 -7.58 17.97 -10.61
N LEU A 744 -7.54 17.48 -9.36
CA LEU A 744 -8.74 17.39 -8.55
C LEU A 744 -9.36 18.77 -8.34
N LEU A 745 -8.57 19.71 -7.82
CA LEU A 745 -9.10 21.05 -7.55
C LEU A 745 -9.43 21.82 -8.82
N SER A 746 -8.96 21.36 -9.98
CA SER A 746 -9.31 22.03 -11.23
C SER A 746 -10.62 21.48 -11.80
N SER A 747 -10.86 20.19 -11.64
CA SER A 747 -12.09 19.57 -12.17
C SER A 747 -13.36 20.09 -11.52
N PHE A 748 -13.26 20.69 -10.34
CA PHE A 748 -14.45 21.13 -9.62
C PHE A 748 -15.09 22.34 -10.29
N GLY A 872 -61.81 -12.95 18.48
CA GLY A 872 -62.33 -11.72 19.04
C GLY A 872 -61.24 -10.81 19.58
N LYS A 873 -61.45 -10.31 20.81
CA LYS A 873 -60.47 -9.44 21.45
C LYS A 873 -59.12 -10.12 21.62
N VAL A 874 -59.09 -11.45 21.74
CA VAL A 874 -57.85 -12.16 21.96
C VAL A 874 -56.86 -11.93 20.83
N TRP A 875 -57.36 -11.58 19.64
CA TRP A 875 -56.48 -11.20 18.54
C TRP A 875 -55.62 -10.00 18.91
N TRP A 876 -56.26 -8.87 19.22
CA TRP A 876 -55.51 -7.68 19.60
C TRP A 876 -54.79 -7.89 20.92
N ARG A 877 -55.26 -8.82 21.76
CA ARG A 877 -54.57 -9.11 23.01
C ARG A 877 -53.21 -9.75 22.74
N LEU A 878 -53.20 -10.84 21.96
CA LEU A 878 -51.95 -11.45 21.54
C LEU A 878 -51.08 -10.48 20.75
N ARG A 879 -51.71 -9.59 19.96
CA ARG A 879 -50.95 -8.59 19.23
C ARG A 879 -50.22 -7.64 20.18
N LYS A 880 -50.91 -7.20 21.24
CA LYS A 880 -50.27 -6.33 22.23
C LYS A 880 -49.15 -7.07 22.96
N THR A 881 -49.38 -8.34 23.29
CA THR A 881 -48.32 -9.12 23.94
C THR A 881 -47.08 -9.20 23.05
N CYS A 882 -47.26 -9.58 21.78
CA CYS A 882 -46.13 -9.69 20.87
C CYS A 882 -45.47 -8.33 20.64
N TYR A 883 -46.25 -7.25 20.62
CA TYR A 883 -45.67 -5.92 20.48
C TYR A 883 -44.80 -5.58 21.69
N ARG A 884 -45.25 -5.95 22.89
CA ARG A 884 -44.41 -5.76 24.07
C ARG A 884 -43.14 -6.58 23.98
N ILE A 885 -43.23 -7.81 23.48
CA ILE A 885 -42.05 -8.66 23.32
C ILE A 885 -41.04 -8.01 22.37
N VAL A 886 -41.51 -7.63 21.18
CA VAL A 886 -40.59 -7.08 20.19
C VAL A 886 -40.04 -5.72 20.64
N GLU A 887 -40.81 -4.96 21.40
CA GLU A 887 -40.34 -3.71 21.97
C GLU A 887 -39.60 -3.90 23.29
N HIS A 888 -39.46 -5.13 23.76
CA HIS A 888 -38.73 -5.41 24.99
C HIS A 888 -37.23 -5.45 24.71
N SER A 889 -36.47 -4.65 25.48
CA SER A 889 -35.03 -4.56 25.26
C SER A 889 -34.35 -5.91 25.45
N TRP A 890 -34.84 -6.72 26.40
CA TRP A 890 -34.24 -8.03 26.62
C TRP A 890 -34.36 -8.91 25.39
N PHE A 891 -35.48 -8.83 24.67
CA PHE A 891 -35.64 -9.61 23.44
C PHE A 891 -34.62 -9.19 22.39
N GLU A 892 -34.44 -7.88 22.22
CA GLU A 892 -33.47 -7.38 21.25
C GLU A 892 -32.05 -7.82 21.60
N THR A 893 -31.67 -7.70 22.88
CA THR A 893 -30.34 -8.13 23.27
C THR A 893 -30.19 -9.64 23.15
N PHE A 894 -31.27 -10.37 23.36
CA PHE A 894 -31.25 -11.82 23.15
C PHE A 894 -30.97 -12.15 21.69
N ILE A 895 -31.64 -11.46 20.77
CA ILE A 895 -31.44 -11.75 19.35
C ILE A 895 -30.05 -11.30 18.92
N ILE A 896 -29.51 -10.23 19.52
CA ILE A 896 -28.13 -9.84 19.26
C ILE A 896 -27.18 -10.96 19.69
N PHE A 897 -27.36 -11.46 20.91
CA PHE A 897 -26.55 -12.58 21.38
C PHE A 897 -26.69 -13.78 20.45
N MET A 898 -27.89 -13.99 19.91
CA MET A 898 -28.13 -15.15 19.06
C MET A 898 -27.41 -15.02 17.73
N ILE A 899 -27.46 -13.84 17.10
CA ILE A 899 -26.76 -13.66 15.83
C ILE A 899 -25.25 -13.73 16.05
N LEU A 900 -24.77 -13.24 17.19
CA LEU A 900 -23.34 -13.37 17.48
C LEU A 900 -22.94 -14.83 17.66
N LEU A 901 -23.76 -15.61 18.38
CA LEU A 901 -23.48 -17.03 18.54
C LEU A 901 -23.51 -17.75 17.20
N SER A 902 -24.45 -17.39 16.34
CA SER A 902 -24.50 -17.98 15.00
C SER A 902 -23.24 -17.65 14.20
N SER A 903 -22.78 -16.39 14.29
CA SER A 903 -21.55 -16.01 13.63
C SER A 903 -20.37 -16.85 14.12
N GLY A 904 -20.27 -17.03 15.44
CA GLY A 904 -19.26 -17.94 15.97
C GLY A 904 -19.39 -19.34 15.40
N ALA A 905 -20.60 -19.89 15.41
CA ALA A 905 -20.86 -21.21 14.84
C ALA A 905 -20.34 -21.30 13.42
N LEU A 906 -20.52 -20.22 12.65
CA LEU A 906 -19.92 -20.13 11.32
C LEU A 906 -18.40 -20.23 11.41
N ALA A 907 -17.80 -19.41 12.27
CA ALA A 907 -16.36 -19.40 12.44
C ALA A 907 -15.78 -20.75 12.82
N PHE A 908 -16.59 -21.66 13.36
CA PHE A 908 -16.12 -23.00 13.73
C PHE A 908 -16.18 -24.00 12.58
N GLU A 909 -16.17 -23.54 11.32
CA GLU A 909 -16.36 -24.42 10.16
C GLU A 909 -15.07 -24.66 9.39
N ASP A 910 -13.96 -24.92 10.08
CA ASP A 910 -12.69 -25.13 9.40
C ASP A 910 -12.65 -26.53 8.80
N ILE A 911 -11.48 -26.97 8.34
CA ILE A 911 -11.35 -28.27 7.70
C ILE A 911 -11.09 -29.33 8.74
N TYR A 912 -11.22 -28.98 10.01
CA TYR A 912 -10.93 -29.90 11.11
C TYR A 912 -12.18 -30.30 11.87
N LEU A 913 -13.33 -30.31 11.22
CA LEU A 913 -14.55 -30.78 11.87
C LEU A 913 -14.65 -32.30 11.88
N GLU A 914 -14.14 -32.95 10.84
CA GLU A 914 -14.04 -34.41 10.89
C GLU A 914 -13.11 -34.85 12.01
N GLU A 915 -12.13 -34.02 12.36
CA GLU A 915 -11.21 -34.36 13.45
C GLU A 915 -11.93 -34.42 14.79
N ARG A 916 -12.99 -33.63 14.96
CA ARG A 916 -13.68 -33.50 16.24
C ARG A 916 -15.16 -33.79 16.01
N LYS A 917 -15.59 -35.00 16.37
CA LYS A 917 -16.94 -35.44 16.05
C LYS A 917 -18.00 -34.82 16.94
N THR A 918 -17.68 -34.53 18.20
CA THR A 918 -18.66 -33.98 19.12
C THR A 918 -19.20 -32.64 18.64
N ILE A 919 -18.30 -31.68 18.39
CA ILE A 919 -18.74 -30.35 18.00
C ILE A 919 -19.50 -30.37 16.69
N LYS A 920 -19.28 -31.37 15.83
CA LYS A 920 -20.13 -31.53 14.65
C LYS A 920 -21.60 -31.52 15.05
N VAL A 921 -22.00 -32.47 15.90
CA VAL A 921 -23.39 -32.59 16.30
C VAL A 921 -23.83 -31.42 17.16
N LEU A 922 -22.93 -30.91 18.01
CA LEU A 922 -23.27 -29.73 18.80
C LEU A 922 -23.67 -28.56 17.90
N LEU A 923 -22.86 -28.29 16.88
CA LEU A 923 -23.19 -27.18 15.97
C LEU A 923 -24.36 -27.53 15.05
N GLU A 924 -24.62 -28.81 14.80
CA GLU A 924 -25.83 -29.17 14.06
C GLU A 924 -27.07 -28.77 14.85
N TYR A 925 -27.13 -29.20 16.12
CA TYR A 925 -28.23 -28.78 17.00
C TYR A 925 -28.28 -27.26 17.11
N ALA A 926 -27.11 -26.62 17.21
CA ALA A 926 -27.07 -25.17 17.30
C ALA A 926 -27.67 -24.51 16.06
N ASP A 927 -27.33 -25.03 14.89
CA ASP A 927 -27.83 -24.46 13.64
C ASP A 927 -29.34 -24.63 13.54
N LYS A 928 -29.85 -25.79 13.91
CA LYS A 928 -31.31 -25.97 13.94
C LYS A 928 -31.95 -25.00 14.92
N MET A 929 -31.32 -24.79 16.07
CA MET A 929 -31.84 -23.83 17.05
C MET A 929 -31.84 -22.42 16.47
N PHE A 930 -30.80 -22.06 15.73
CA PHE A 930 -30.72 -20.74 15.12
C PHE A 930 -31.85 -20.54 14.12
N THR A 931 -32.01 -21.52 13.21
CA THR A 931 -33.12 -21.46 12.26
C THR A 931 -34.44 -21.26 12.99
N TYR A 932 -34.67 -22.03 14.06
CA TYR A 932 -35.94 -21.95 14.77
C TYR A 932 -36.13 -20.57 15.40
N VAL A 933 -35.11 -20.06 16.09
CA VAL A 933 -35.29 -18.80 16.81
C VAL A 933 -35.44 -17.64 15.83
N PHE A 934 -34.74 -17.70 14.70
CA PHE A 934 -34.84 -16.59 13.76
C PHE A 934 -36.17 -16.63 12.99
N VAL A 935 -36.66 -17.82 12.63
CA VAL A 935 -37.97 -17.87 12.00
C VAL A 935 -39.05 -17.50 13.00
N LEU A 936 -38.83 -17.78 14.28
CA LEU A 936 -39.78 -17.36 15.31
C LEU A 936 -39.80 -15.85 15.44
N GLU A 937 -38.63 -15.22 15.43
CA GLU A 937 -38.56 -13.76 15.40
C GLU A 937 -39.25 -13.21 14.16
N MET A 938 -39.11 -13.89 13.03
CA MET A 938 -39.77 -13.46 11.82
C MET A 938 -41.29 -13.46 11.99
N LEU A 939 -41.84 -14.58 12.47
CA LEU A 939 -43.29 -14.66 12.68
C LEU A 939 -43.75 -13.64 13.72
N LEU A 940 -42.95 -13.41 14.75
CA LEU A 940 -43.33 -12.46 15.79
C LEU A 940 -43.39 -11.04 15.23
N LYS A 941 -42.34 -10.63 14.51
CA LYS A 941 -42.37 -9.33 13.85
C LYS A 941 -43.53 -9.22 12.88
N TRP A 942 -43.86 -10.33 12.19
CA TRP A 942 -45.00 -10.36 11.30
C TRP A 942 -46.27 -10.00 12.03
N VAL A 943 -46.62 -10.79 13.05
CA VAL A 943 -47.86 -10.57 13.78
C VAL A 943 -47.86 -9.25 14.54
N ALA A 944 -46.69 -8.69 14.82
CA ALA A 944 -46.64 -7.43 15.56
C ALA A 944 -46.82 -6.22 14.65
N TYR A 945 -46.17 -6.22 13.49
CA TYR A 945 -46.16 -5.03 12.64
C TYR A 945 -46.95 -5.19 11.34
N GLY A 946 -47.25 -6.41 10.92
CA GLY A 946 -48.01 -6.61 9.71
C GLY A 946 -47.17 -6.51 8.45
N PHE A 947 -47.55 -7.27 7.43
CA PHE A 947 -46.73 -7.40 6.22
C PHE A 947 -46.40 -6.06 5.57
N LYS A 948 -47.23 -5.04 5.74
CA LYS A 948 -47.00 -3.78 5.05
C LYS A 948 -45.93 -2.95 5.75
N LYS A 949 -46.17 -2.59 7.01
CA LYS A 949 -45.19 -1.80 7.76
C LYS A 949 -43.92 -2.59 8.05
N TYR A 950 -43.96 -3.91 7.85
CA TYR A 950 -42.75 -4.71 7.94
C TYR A 950 -41.95 -4.63 6.65
N PHE A 951 -42.55 -5.06 5.54
CA PHE A 951 -41.86 -5.08 4.25
C PHE A 951 -41.57 -3.68 3.70
N THR A 952 -42.02 -2.61 4.37
CA THR A 952 -41.67 -1.28 3.89
C THR A 952 -40.22 -0.92 4.23
N ASN A 953 -39.54 -1.74 5.03
CA ASN A 953 -38.16 -1.45 5.39
C ASN A 953 -37.20 -2.39 4.67
N ALA A 954 -35.90 -2.13 4.80
CA ALA A 954 -34.91 -2.84 4.00
C ALA A 954 -34.19 -3.93 4.79
N TRP A 955 -33.70 -3.61 5.98
CA TRP A 955 -32.92 -4.58 6.74
C TRP A 955 -33.78 -5.79 7.12
N CYS A 956 -35.06 -5.56 7.37
CA CYS A 956 -35.98 -6.68 7.59
C CYS A 956 -36.09 -7.53 6.34
N TRP A 957 -36.11 -6.90 5.16
CA TRP A 957 -36.07 -7.64 3.91
C TRP A 957 -34.83 -8.51 3.82
N LEU A 958 -33.68 -7.97 4.22
CA LEU A 958 -32.45 -8.74 4.24
C LEU A 958 -32.57 -9.95 5.17
N ASP A 959 -33.02 -9.71 6.40
CA ASP A 959 -33.19 -10.80 7.36
C ASP A 959 -34.18 -11.84 6.82
N PHE A 960 -35.21 -11.38 6.12
CA PHE A 960 -36.17 -12.28 5.49
C PHE A 960 -35.49 -13.16 4.45
N LEU A 961 -34.63 -12.56 3.63
CA LEU A 961 -33.89 -13.34 2.65
C LEU A 961 -33.04 -14.41 3.34
N ILE A 962 -32.33 -14.04 4.40
CA ILE A 962 -31.45 -15.00 5.07
C ILE A 962 -32.25 -16.12 5.71
N VAL A 963 -33.35 -15.77 6.39
CA VAL A 963 -34.15 -16.81 7.02
C VAL A 963 -34.80 -17.69 5.97
N ASP A 964 -35.12 -17.13 4.80
CA ASP A 964 -35.66 -17.93 3.72
C ASP A 964 -34.63 -18.94 3.23
N VAL A 965 -33.38 -18.50 3.05
CA VAL A 965 -32.32 -19.43 2.68
C VAL A 965 -32.20 -20.55 3.71
N SER A 966 -32.23 -20.18 4.99
CA SER A 966 -32.07 -21.20 6.03
C SER A 966 -33.26 -22.17 6.04
N LEU A 967 -34.48 -21.67 5.80
CA LEU A 967 -35.64 -22.54 5.79
C LEU A 967 -35.61 -23.48 4.59
N VAL A 968 -35.20 -22.98 3.43
CA VAL A 968 -35.03 -23.86 2.27
C VAL A 968 -34.02 -24.95 2.58
N SER A 969 -32.88 -24.57 3.19
CA SER A 969 -31.89 -25.55 3.58
C SER A 969 -32.48 -26.60 4.52
N LEU A 970 -33.24 -26.15 5.52
CA LEU A 970 -33.81 -27.07 6.50
C LEU A 970 -34.80 -28.04 5.85
N VAL A 971 -35.72 -27.50 5.05
CA VAL A 971 -36.76 -28.36 4.46
C VAL A 971 -36.15 -29.31 3.44
N ALA A 972 -35.07 -28.90 2.77
CA ALA A 972 -34.38 -29.82 1.87
C ALA A 972 -33.56 -30.85 2.61
N ASN A 973 -33.09 -30.52 3.82
CA ASN A 973 -32.35 -31.50 4.61
C ASN A 973 -33.30 -32.53 5.23
N THR A 974 -34.52 -32.11 5.53
CA THR A 974 -35.48 -33.01 6.15
C THR A 974 -36.06 -33.98 5.14
N LEU A 975 -36.71 -33.46 4.10
CA LEU A 975 -37.47 -34.27 3.15
C LEU A 975 -36.64 -34.69 1.94
N GLY A 976 -35.46 -35.25 2.18
CA GLY A 976 -34.56 -35.75 1.15
C GLY A 976 -34.46 -34.81 -0.04
N PHE A 977 -34.62 -35.38 -1.23
CA PHE A 977 -34.55 -34.63 -2.48
C PHE A 977 -33.31 -33.76 -2.56
N ALA A 978 -32.39 -33.97 -1.63
CA ALA A 978 -31.15 -33.22 -1.57
C ALA A 978 -29.97 -34.03 -2.10
N GLU A 979 -28.76 -33.57 -1.80
CA GLU A 979 -27.53 -34.23 -2.23
C GLU A 979 -27.52 -34.55 -3.73
N MET A 980 -27.88 -33.55 -4.54
CA MET A 980 -27.92 -33.69 -5.98
C MET A 980 -27.98 -32.31 -6.64
N GLY A 981 -28.67 -31.39 -5.99
CA GLY A 981 -28.82 -30.05 -6.51
C GLY A 981 -27.98 -29.02 -5.76
N PRO A 982 -28.63 -27.94 -5.30
CA PRO A 982 -27.97 -26.85 -4.56
C PRO A 982 -28.09 -27.26 -3.10
N ILE A 983 -27.33 -28.27 -2.67
CA ILE A 983 -27.38 -28.72 -1.27
C ILE A 983 -26.40 -27.91 -0.43
N LYS A 984 -25.11 -28.05 -0.74
CA LYS A 984 -24.06 -27.34 -0.02
C LYS A 984 -23.81 -26.15 -0.93
N SER A 985 -23.83 -26.40 -2.24
CA SER A 985 -23.62 -25.33 -3.24
C SER A 985 -24.58 -24.19 -2.97
N LEU A 986 -25.62 -24.47 -2.21
CA LEU A 986 -26.60 -23.44 -1.86
C LEU A 986 -26.50 -23.02 -0.40
N ARG A 987 -26.07 -23.90 0.49
CA ARG A 987 -25.97 -23.57 1.91
C ARG A 987 -24.81 -22.63 2.24
N THR A 988 -23.78 -22.57 1.38
CA THR A 988 -22.65 -21.68 1.65
C THR A 988 -23.09 -20.23 1.75
N LEU A 989 -24.29 -19.91 1.27
CA LEU A 989 -24.88 -18.62 1.53
C LEU A 989 -25.15 -18.40 3.02
N ARG A 990 -25.03 -19.46 3.84
CA ARG A 990 -25.01 -19.28 5.28
C ARG A 990 -24.03 -18.22 5.71
N ALA A 991 -22.90 -18.10 5.00
CA ALA A 991 -21.90 -17.08 5.33
C ALA A 991 -22.45 -15.68 5.22
N LEU A 992 -23.65 -15.49 4.66
CA LEU A 992 -24.31 -14.20 4.69
C LEU A 992 -24.95 -13.91 6.03
N ARG A 993 -24.97 -14.88 6.94
CA ARG A 993 -25.60 -14.70 8.25
C ARG A 993 -25.12 -13.48 9.02
N PRO A 994 -23.81 -13.18 9.13
CA PRO A 994 -23.38 -12.00 9.89
C PRO A 994 -24.04 -10.70 9.44
N LEU A 995 -24.58 -10.68 8.23
CA LEU A 995 -25.16 -9.46 7.69
C LEU A 995 -26.35 -8.97 8.50
N ARG A 996 -26.89 -9.78 9.40
CA ARG A 996 -27.91 -9.27 10.30
C ARG A 996 -27.37 -8.25 11.29
N ALA A 997 -26.06 -8.23 11.51
CA ALA A 997 -25.47 -7.31 12.49
C ALA A 997 -25.74 -5.86 12.12
N LEU A 998 -25.52 -5.49 10.86
CA LEU A 998 -25.59 -4.08 10.47
C LEU A 998 -26.94 -3.46 10.77
N SER A 999 -28.00 -4.27 10.78
CA SER A 999 -29.33 -3.74 11.02
C SER A 999 -29.47 -3.19 12.44
N ARG A 1000 -28.62 -3.63 13.35
CA ARG A 1000 -28.81 -3.38 14.78
C ARG A 1000 -27.73 -2.53 15.41
N PHE A 1001 -26.45 -2.81 15.15
CA PHE A 1001 -25.39 -1.95 15.65
C PHE A 1001 -25.50 -0.57 15.02
N GLU A 1002 -25.70 0.45 15.86
CA GLU A 1002 -25.98 1.80 15.38
C GLU A 1002 -24.87 2.35 14.49
N GLY A 1003 -23.67 1.78 14.54
CA GLY A 1003 -22.58 2.27 13.72
C GLY A 1003 -22.56 1.67 12.32
N MET A 1004 -22.66 0.33 12.25
CA MET A 1004 -22.69 -0.32 10.95
C MET A 1004 -23.85 0.18 10.10
N ARG A 1005 -25.00 0.43 10.74
CA ARG A 1005 -26.18 0.86 10.00
C ARG A 1005 -25.96 2.22 9.35
N VAL A 1006 -25.44 3.19 10.10
CA VAL A 1006 -25.25 4.52 9.54
C VAL A 1006 -24.13 4.49 8.50
N VAL A 1007 -23.11 3.66 8.72
CA VAL A 1007 -22.03 3.60 7.73
C VAL A 1007 -22.52 2.98 6.43
N VAL A 1008 -23.37 1.96 6.50
CA VAL A 1008 -23.91 1.37 5.28
C VAL A 1008 -24.88 2.33 4.61
N ASN A 1009 -25.67 3.05 5.40
CA ASN A 1009 -26.50 4.12 4.83
C ASN A 1009 -25.68 5.15 4.10
N ALA A 1010 -24.47 5.45 4.57
CA ALA A 1010 -23.58 6.34 3.83
C ALA A 1010 -23.02 5.66 2.58
N LEU A 1011 -22.79 4.34 2.65
CA LEU A 1011 -22.25 3.62 1.50
C LEU A 1011 -23.28 3.53 0.38
N VAL A 1012 -24.43 2.90 0.65
CA VAL A 1012 -25.45 2.71 -0.37
C VAL A 1012 -25.91 4.05 -0.94
N GLY A 1013 -25.99 5.08 -0.11
CA GLY A 1013 -26.35 6.41 -0.56
C GLY A 1013 -25.41 7.03 -1.56
N ALA A 1014 -24.34 6.33 -1.94
CA ALA A 1014 -23.42 6.81 -2.97
C ALA A 1014 -23.25 5.83 -4.11
N ILE A 1015 -24.00 4.73 -4.10
CA ILE A 1015 -23.97 3.75 -5.20
C ILE A 1015 -24.45 4.39 -6.50
N PRO A 1016 -25.51 5.21 -6.51
CA PRO A 1016 -25.88 5.92 -7.74
C PRO A 1016 -24.77 6.82 -8.27
N SER A 1017 -23.75 7.14 -7.47
CA SER A 1017 -22.62 7.94 -7.92
C SER A 1017 -21.38 7.13 -8.18
N ILE A 1018 -21.25 5.96 -7.56
CA ILE A 1018 -20.16 5.05 -7.93
C ILE A 1018 -20.49 4.34 -9.23
N MET A 1019 -21.78 4.22 -9.58
CA MET A 1019 -22.17 3.35 -10.68
C MET A 1019 -21.86 3.99 -12.03
N ASN A 1020 -22.28 5.24 -12.24
CA ASN A 1020 -21.97 5.91 -13.50
C ASN A 1020 -20.47 5.99 -13.73
N VAL A 1021 -19.70 6.22 -12.66
CA VAL A 1021 -18.25 6.33 -12.81
C VAL A 1021 -17.64 4.96 -13.06
N LEU A 1022 -18.20 3.91 -12.46
CA LEU A 1022 -17.77 2.57 -12.81
C LEU A 1022 -18.06 2.27 -14.26
N LEU A 1023 -19.13 2.84 -14.81
CA LEU A 1023 -19.42 2.66 -16.23
C LEU A 1023 -18.43 3.41 -17.10
N VAL A 1024 -18.07 4.64 -16.69
CA VAL A 1024 -17.05 5.38 -17.43
C VAL A 1024 -15.73 4.64 -17.43
N CYS A 1025 -15.33 4.12 -16.27
CA CYS A 1025 -14.11 3.33 -16.20
C CYS A 1025 -14.24 2.04 -16.98
N LEU A 1026 -15.44 1.46 -17.05
CA LEU A 1026 -15.64 0.25 -17.82
C LEU A 1026 -15.45 0.50 -19.31
N ILE A 1027 -15.96 1.63 -19.81
CA ILE A 1027 -15.80 1.93 -21.22
C ILE A 1027 -14.36 2.32 -21.53
N PHE A 1028 -13.76 3.13 -20.65
CA PHE A 1028 -12.40 3.58 -20.88
C PHE A 1028 -11.41 2.42 -20.78
N TRP A 1029 -11.75 1.38 -20.02
CA TRP A 1029 -10.94 0.17 -20.01
C TRP A 1029 -11.35 -0.79 -21.11
N LEU A 1030 -12.56 -0.66 -21.65
CA LEU A 1030 -12.94 -1.42 -22.83
C LEU A 1030 -12.08 -1.02 -24.02
N ILE A 1031 -11.83 0.28 -24.14
CA ILE A 1031 -10.89 0.77 -25.16
C ILE A 1031 -9.56 0.02 -25.05
N PHE A 1032 -8.95 0.07 -23.86
CA PHE A 1032 -7.63 -0.53 -23.68
C PHE A 1032 -7.67 -2.05 -23.80
N SER A 1033 -8.77 -2.69 -23.41
CA SER A 1033 -8.83 -4.13 -23.52
C SER A 1033 -8.95 -4.57 -24.97
N ILE A 1034 -9.72 -3.84 -25.78
CA ILE A 1034 -9.76 -4.13 -27.21
C ILE A 1034 -8.39 -3.88 -27.84
N MET A 1035 -7.71 -2.81 -27.41
CA MET A 1035 -6.35 -2.57 -27.88
C MET A 1035 -5.43 -3.72 -27.51
N GLY A 1036 -5.62 -4.28 -26.31
CA GLY A 1036 -4.78 -5.39 -25.89
C GLY A 1036 -5.11 -6.69 -26.57
N VAL A 1037 -6.36 -6.84 -27.01
CA VAL A 1037 -6.69 -7.99 -27.84
C VAL A 1037 -6.05 -7.85 -29.22
N ASN A 1038 -6.09 -6.64 -29.78
CA ASN A 1038 -5.36 -6.39 -31.01
C ASN A 1038 -3.89 -6.74 -30.87
N LEU A 1039 -3.24 -6.23 -29.81
CA LEU A 1039 -1.79 -6.32 -29.72
C LEU A 1039 -1.32 -7.69 -29.24
N PHE A 1040 -2.02 -8.29 -28.26
CA PHE A 1040 -1.49 -9.41 -27.51
C PHE A 1040 -2.25 -10.72 -27.64
N ALA A 1041 -3.52 -10.70 -28.03
CA ALA A 1041 -4.34 -11.90 -28.00
C ALA A 1041 -3.64 -13.07 -28.68
N GLY A 1042 -3.48 -14.16 -27.93
CA GLY A 1042 -2.74 -15.30 -28.40
C GLY A 1042 -1.25 -15.23 -28.18
N LYS A 1043 -0.69 -14.06 -27.92
CA LYS A 1043 0.75 -13.89 -27.81
C LYS A 1043 1.25 -14.06 -26.38
N PHE A 1044 0.45 -14.68 -25.53
CA PHE A 1044 0.80 -14.83 -24.13
C PHE A 1044 1.13 -16.26 -23.75
N GLY A 1045 0.75 -17.20 -24.59
CA GLY A 1045 1.03 -18.58 -24.27
C GLY A 1045 2.52 -18.80 -24.20
N ARG A 1046 2.96 -19.51 -23.17
CA ARG A 1046 4.38 -19.80 -23.02
C ARG A 1046 4.52 -21.29 -22.86
N CYS A 1047 5.42 -21.90 -23.62
CA CYS A 1047 5.59 -23.34 -23.52
C CYS A 1047 6.67 -23.98 -22.68
N ILE A 1048 6.44 -24.03 -21.37
CA ILE A 1048 7.39 -24.60 -20.45
C ILE A 1048 7.38 -26.10 -20.16
N ASN A 1049 8.55 -26.72 -20.18
CA ASN A 1049 8.64 -28.15 -19.90
C ASN A 1049 8.34 -28.45 -18.44
N GLN A 1050 7.91 -29.63 -18.07
CA GLN A 1050 7.68 -29.93 -16.66
C GLN A 1050 8.99 -30.01 -15.87
N THR A 1051 10.09 -30.27 -16.56
CA THR A 1051 11.41 -30.38 -15.92
C THR A 1051 11.88 -29.09 -15.26
N GLU A 1052 11.63 -27.97 -15.93
CA GLU A 1052 12.03 -26.67 -15.41
C GLU A 1052 10.86 -26.05 -14.69
N GLY A 1053 10.30 -25.00 -15.29
CA GLY A 1053 9.17 -24.33 -14.70
C GLY A 1053 8.98 -22.93 -15.25
N ASP A 1054 9.77 -22.58 -16.25
CA ASP A 1054 9.65 -21.23 -16.83
C ASP A 1054 10.03 -21.26 -18.30
N LEU A 1055 9.71 -20.16 -18.99
CA LEU A 1055 9.70 -19.98 -20.44
C LEU A 1055 10.85 -20.71 -21.14
N PRO A 1056 10.55 -21.52 -22.15
CA PRO A 1056 11.60 -22.18 -22.93
C PRO A 1056 12.30 -21.18 -23.84
N LEU A 1057 13.35 -21.68 -24.49
CA LEU A 1057 14.25 -20.86 -25.31
C LEU A 1057 13.67 -19.70 -26.12
N ASN A 1058 14.24 -18.50 -25.96
CA ASN A 1058 13.78 -17.33 -26.72
C ASN A 1058 13.78 -17.55 -28.25
N TYR A 1059 14.98 -17.61 -28.82
CA TYR A 1059 15.16 -17.84 -30.25
C TYR A 1059 14.78 -19.24 -30.80
N THR A 1060 15.13 -20.29 -30.06
CA THR A 1060 14.92 -21.67 -30.51
C THR A 1060 14.11 -22.64 -29.64
N ILE A 1061 14.32 -23.92 -29.92
CA ILE A 1061 13.73 -25.10 -29.26
C ILE A 1061 12.24 -25.35 -29.57
N VAL A 1062 11.40 -24.38 -29.27
CA VAL A 1062 9.97 -24.47 -29.54
C VAL A 1062 9.58 -23.09 -30.02
N ASN A 1063 9.67 -22.86 -31.31
CA ASN A 1063 9.38 -21.52 -31.81
C ASN A 1063 7.91 -21.15 -31.67
N ASN A 1064 7.02 -21.91 -32.31
CA ASN A 1064 5.59 -21.65 -32.34
C ASN A 1064 4.86 -22.60 -31.40
N LYS A 1065 3.60 -22.27 -31.11
CA LYS A 1065 2.72 -23.26 -30.49
C LYS A 1065 2.64 -24.51 -31.36
N SER A 1066 2.49 -24.31 -32.67
CA SER A 1066 2.52 -25.43 -33.60
C SER A 1066 3.88 -26.11 -33.62
N GLU A 1067 4.91 -25.47 -33.07
CA GLU A 1067 6.21 -26.12 -32.96
C GLU A 1067 6.35 -26.91 -31.67
N CYS A 1068 5.92 -26.35 -30.54
CA CYS A 1068 6.08 -27.05 -29.26
C CYS A 1068 5.29 -28.35 -29.25
N GLU A 1069 4.11 -28.36 -29.89
CA GLU A 1069 3.36 -29.61 -30.01
C GLU A 1069 4.13 -30.64 -30.82
N SER A 1070 4.93 -30.19 -31.78
CA SER A 1070 5.73 -31.12 -32.57
C SER A 1070 6.85 -31.75 -31.76
N PHE A 1071 7.18 -31.20 -30.59
CA PHE A 1071 8.18 -31.77 -29.71
C PHE A 1071 7.59 -32.40 -28.47
N ASN A 1072 6.27 -32.56 -28.40
CA ASN A 1072 5.61 -33.16 -27.25
C ASN A 1072 5.68 -34.68 -27.26
N VAL A 1073 6.58 -35.28 -28.05
CA VAL A 1073 6.74 -36.73 -28.13
C VAL A 1073 6.85 -37.31 -26.73
N THR A 1074 7.34 -36.52 -25.78
CA THR A 1074 7.18 -36.77 -24.36
C THR A 1074 6.33 -35.65 -23.78
N GLY A 1075 5.39 -36.02 -22.91
CA GLY A 1075 4.39 -35.07 -22.42
C GLY A 1075 4.91 -34.07 -21.41
N GLU A 1076 6.23 -33.84 -21.41
CA GLU A 1076 6.81 -32.90 -20.45
C GLU A 1076 6.40 -31.47 -20.74
N LEU A 1077 6.03 -31.17 -21.98
CA LEU A 1077 5.88 -29.79 -22.42
C LEU A 1077 4.42 -29.40 -22.54
N TYR A 1078 4.10 -28.19 -22.10
CA TYR A 1078 2.74 -27.66 -22.10
C TYR A 1078 2.77 -26.25 -22.67
N TRP A 1079 1.81 -25.94 -23.55
CA TRP A 1079 1.61 -24.57 -24.02
C TRP A 1079 0.45 -24.00 -23.22
N THR A 1080 0.78 -23.32 -22.13
CA THR A 1080 -0.22 -22.76 -21.24
C THR A 1080 -0.16 -21.24 -21.31
N LYS A 1081 -1.34 -20.63 -21.39
CA LYS A 1081 -1.45 -19.19 -21.27
C LYS A 1081 -0.99 -18.74 -19.89
N VAL A 1082 -0.74 -17.45 -19.74
CA VAL A 1082 -0.48 -16.90 -18.43
C VAL A 1082 -1.82 -16.65 -17.76
N LYS A 1083 -1.90 -16.99 -16.47
CA LYS A 1083 -3.10 -16.89 -15.62
C LYS A 1083 -4.07 -15.78 -15.96
N VAL A 1084 -3.53 -14.58 -16.01
CA VAL A 1084 -4.26 -13.38 -16.39
C VAL A 1084 -3.65 -12.87 -17.69
N ASN A 1085 -4.47 -12.78 -18.74
CA ASN A 1085 -3.97 -12.43 -20.06
C ASN A 1085 -4.97 -11.52 -20.75
N PHE A 1086 -4.60 -11.11 -21.97
CA PHE A 1086 -5.52 -10.44 -22.89
C PHE A 1086 -5.90 -11.45 -23.96
N ASP A 1087 -7.08 -12.06 -23.80
CA ASP A 1087 -7.61 -12.95 -24.81
C ASP A 1087 -9.10 -12.71 -25.07
N ASN A 1088 -9.72 -11.82 -24.32
CA ASN A 1088 -11.11 -11.43 -24.50
C ASN A 1088 -11.23 -9.99 -24.05
N VAL A 1089 -12.45 -9.51 -23.86
CA VAL A 1089 -12.61 -8.26 -23.15
C VAL A 1089 -12.71 -8.51 -21.65
N GLY A 1090 -13.13 -9.69 -21.24
CA GLY A 1090 -13.16 -10.06 -19.83
C GLY A 1090 -11.80 -10.26 -19.22
N ALA A 1091 -11.01 -11.18 -19.79
CA ALA A 1091 -9.62 -11.33 -19.34
C ALA A 1091 -8.84 -10.04 -19.50
N GLY A 1092 -9.19 -9.24 -20.51
CA GLY A 1092 -8.60 -7.92 -20.63
C GLY A 1092 -8.95 -7.03 -19.45
N TYR A 1093 -10.20 -7.11 -18.98
CA TYR A 1093 -10.59 -6.33 -17.81
C TYR A 1093 -9.85 -6.79 -16.57
N LEU A 1094 -9.67 -8.10 -16.44
CA LEU A 1094 -8.91 -8.64 -15.32
C LEU A 1094 -7.47 -8.12 -15.32
N ALA A 1095 -6.79 -8.25 -16.46
CA ALA A 1095 -5.42 -7.75 -16.56
C ALA A 1095 -5.35 -6.25 -16.37
N LEU A 1096 -6.38 -5.52 -16.77
CA LEU A 1096 -6.37 -4.08 -16.57
C LEU A 1096 -6.52 -3.72 -15.11
N LEU A 1097 -7.32 -4.50 -14.37
CA LEU A 1097 -7.42 -4.27 -12.93
C LEU A 1097 -6.12 -4.60 -12.23
N GLN A 1098 -5.49 -5.72 -12.62
CA GLN A 1098 -4.22 -6.10 -12.01
C GLN A 1098 -3.14 -5.08 -12.29
N VAL A 1099 -3.19 -4.45 -13.47
CA VAL A 1099 -2.20 -3.42 -13.80
C VAL A 1099 -2.52 -2.13 -13.08
N ALA A 1100 -3.80 -1.76 -13.02
CA ALA A 1100 -4.20 -0.50 -12.42
C ALA A 1100 -4.07 -0.49 -10.91
N THR A 1101 -4.06 -1.65 -10.26
CA THR A 1101 -3.80 -1.72 -8.84
C THR A 1101 -2.33 -1.92 -8.53
N PHE A 1102 -1.51 -2.23 -9.54
CA PHE A 1102 -0.07 -2.44 -9.49
C PHE A 1102 0.27 -3.65 -8.65
N LYS A 1103 -0.65 -4.60 -8.50
CA LYS A 1103 -0.43 -5.82 -7.75
C LYS A 1103 -0.71 -6.92 -8.77
N GLY A 1104 0.32 -7.29 -9.52
CA GLY A 1104 0.19 -8.37 -10.48
C GLY A 1104 0.63 -7.97 -11.87
N TRP A 1105 0.76 -6.66 -12.08
CA TRP A 1105 1.14 -6.11 -13.38
C TRP A 1105 2.56 -6.45 -13.80
N MET A 1106 3.31 -7.18 -12.98
CA MET A 1106 4.67 -7.52 -13.37
C MET A 1106 4.69 -8.62 -14.41
N ASP A 1107 3.96 -9.71 -14.17
CA ASP A 1107 3.96 -10.79 -15.15
C ASP A 1107 3.14 -10.42 -16.38
N ILE A 1108 2.12 -9.58 -16.21
CA ILE A 1108 1.41 -9.03 -17.37
C ILE A 1108 2.40 -8.35 -18.30
N MET A 1109 3.09 -7.33 -17.80
CA MET A 1109 4.03 -6.57 -18.63
C MET A 1109 5.14 -7.46 -19.17
N TYR A 1110 5.61 -8.42 -18.37
CA TYR A 1110 6.71 -9.26 -18.83
C TYR A 1110 6.29 -10.12 -20.00
N ALA A 1111 5.18 -10.86 -19.86
CA ALA A 1111 4.73 -11.72 -20.95
C ALA A 1111 4.23 -10.89 -22.13
N ALA A 1112 3.84 -9.64 -21.91
CA ALA A 1112 3.34 -8.82 -23.00
C ALA A 1112 4.48 -8.26 -23.83
N VAL A 1113 5.52 -7.75 -23.19
CA VAL A 1113 6.65 -7.24 -23.96
C VAL A 1113 7.44 -8.39 -24.55
N ASP A 1114 7.55 -9.52 -23.84
CA ASP A 1114 8.24 -10.66 -24.42
C ASP A 1114 7.59 -11.16 -25.69
N SER A 1115 6.35 -10.77 -25.97
CA SER A 1115 5.54 -11.33 -27.04
C SER A 1115 5.98 -10.78 -28.39
N ARG A 1116 6.27 -11.66 -29.34
CA ARG A 1116 6.55 -11.27 -30.72
C ARG A 1116 5.49 -11.77 -31.68
N GLY A 1117 5.24 -13.09 -31.72
CA GLY A 1117 4.33 -13.63 -32.71
C GLY A 1117 2.98 -14.05 -32.12
N TYR A 1118 2.03 -14.28 -33.03
CA TYR A 1118 0.66 -14.59 -32.62
C TYR A 1118 0.59 -15.90 -31.83
N GLU A 1119 1.42 -16.88 -32.18
CA GLU A 1119 1.49 -18.11 -31.40
C GLU A 1119 2.92 -18.62 -31.26
N GLU A 1120 3.90 -17.73 -31.38
CA GLU A 1120 5.29 -18.12 -31.24
C GLU A 1120 5.80 -17.79 -29.85
N GLN A 1121 6.82 -18.54 -29.43
CA GLN A 1121 7.38 -18.35 -28.10
C GLN A 1121 7.82 -16.90 -27.93
N PRO A 1122 7.60 -16.32 -26.76
CA PRO A 1122 7.92 -14.91 -26.55
C PRO A 1122 9.41 -14.71 -26.33
N GLN A 1123 9.99 -13.78 -27.10
CA GLN A 1123 11.41 -13.51 -27.07
C GLN A 1123 11.75 -12.58 -25.92
N TRP A 1124 12.88 -12.87 -25.27
CA TRP A 1124 13.10 -12.42 -23.89
C TRP A 1124 12.89 -10.92 -23.73
N GLU A 1125 13.25 -10.11 -24.72
CA GLU A 1125 12.95 -8.68 -24.62
C GLU A 1125 12.53 -8.04 -25.94
N ASP A 1126 11.98 -8.80 -26.89
CA ASP A 1126 11.47 -8.17 -28.09
C ASP A 1126 10.30 -7.27 -27.73
N ASN A 1127 9.77 -6.58 -28.74
CA ASN A 1127 8.59 -5.73 -28.57
C ASN A 1127 8.74 -4.78 -27.38
N LEU A 1128 9.99 -4.47 -27.01
CA LEU A 1128 10.29 -3.74 -25.79
C LEU A 1128 9.44 -2.49 -25.65
N TYR A 1129 9.11 -1.87 -26.75
CA TYR A 1129 8.41 -0.60 -26.60
C TYR A 1129 6.97 -0.78 -26.35
N MET A 1130 6.46 -2.01 -26.29
CA MET A 1130 5.10 -2.22 -25.85
C MET A 1130 4.93 -1.93 -24.37
N TYR A 1131 6.03 -1.78 -23.62
CA TYR A 1131 5.95 -1.18 -22.30
C TYR A 1131 5.19 0.14 -22.34
N ILE A 1132 5.23 0.83 -23.48
CA ILE A 1132 4.52 2.10 -23.59
C ILE A 1132 3.03 1.89 -23.50
N TYR A 1133 2.53 0.73 -23.91
CA TYR A 1133 1.11 0.44 -23.72
C TYR A 1133 0.74 0.54 -22.26
N PHE A 1134 1.46 -0.19 -21.40
CA PHE A 1134 1.16 -0.18 -19.98
C PHE A 1134 1.48 1.17 -19.36
N VAL A 1135 2.49 1.88 -19.87
CA VAL A 1135 2.76 3.23 -19.35
C VAL A 1135 1.57 4.14 -19.59
N VAL A 1136 1.09 4.18 -20.83
CA VAL A 1136 -0.02 5.06 -21.19
C VAL A 1136 -1.30 4.60 -20.52
N PHE A 1137 -1.47 3.29 -20.37
CA PHE A 1137 -2.62 2.78 -19.62
C PHE A 1137 -2.52 3.28 -18.20
N ILE A 1138 -1.49 2.86 -17.46
CA ILE A 1138 -1.31 3.23 -16.06
C ILE A 1138 -1.64 4.70 -15.91
N ILE A 1139 -1.05 5.56 -16.75
CA ILE A 1139 -1.36 6.99 -16.68
C ILE A 1139 -2.87 7.21 -16.77
N PHE A 1140 -3.48 6.88 -17.92
CA PHE A 1140 -4.87 7.26 -18.13
C PHE A 1140 -5.83 6.43 -17.27
N GLY A 1141 -5.82 5.12 -17.44
CA GLY A 1141 -6.66 4.20 -16.70
C GLY A 1141 -6.43 4.12 -15.20
N SER A 1142 -5.36 4.70 -14.64
CA SER A 1142 -5.20 4.71 -13.20
C SER A 1142 -5.13 6.14 -12.67
N PHE A 1143 -4.12 6.93 -13.07
CA PHE A 1143 -3.96 8.26 -12.51
C PHE A 1143 -5.17 9.14 -12.81
N PHE A 1144 -5.84 8.92 -13.93
CA PHE A 1144 -7.00 9.71 -14.32
C PHE A 1144 -8.33 9.06 -13.95
N THR A 1145 -8.44 7.73 -14.06
CA THR A 1145 -9.67 7.09 -13.61
C THR A 1145 -9.84 7.20 -12.10
N LEU A 1146 -8.78 6.93 -11.33
CA LEU A 1146 -8.81 7.15 -9.89
C LEU A 1146 -9.09 8.61 -9.58
N ASN A 1147 -8.56 9.52 -10.40
CA ASN A 1147 -8.85 10.93 -10.20
C ASN A 1147 -10.34 11.21 -10.36
N LEU A 1148 -10.97 10.59 -11.36
CA LEU A 1148 -12.41 10.71 -11.56
C LEU A 1148 -13.18 10.11 -10.38
N PHE A 1149 -12.75 8.92 -9.95
CA PHE A 1149 -13.28 8.27 -8.75
C PHE A 1149 -13.34 9.25 -7.59
N ILE A 1150 -12.18 9.78 -7.20
CA ILE A 1150 -12.13 10.62 -6.01
C ILE A 1150 -12.85 11.93 -6.25
N GLY A 1151 -12.83 12.45 -7.48
CA GLY A 1151 -13.55 13.69 -7.75
C GLY A 1151 -15.04 13.54 -7.55
N VAL A 1152 -15.63 12.52 -8.16
CA VAL A 1152 -17.07 12.32 -8.01
C VAL A 1152 -17.42 11.89 -6.60
N ILE A 1153 -16.51 11.21 -5.90
CA ILE A 1153 -16.79 10.84 -4.52
C ILE A 1153 -16.83 12.08 -3.64
N ILE A 1154 -15.86 12.99 -3.81
CA ILE A 1154 -15.88 14.26 -3.09
C ILE A 1154 -17.15 15.03 -3.43
N ASP A 1155 -17.54 15.04 -4.71
CA ASP A 1155 -18.74 15.74 -5.13
C ASP A 1155 -19.97 15.19 -4.40
N ASN A 1156 -20.18 13.88 -4.50
CA ASN A 1156 -21.35 13.25 -3.91
C ASN A 1156 -21.37 13.43 -2.39
N PHE A 1157 -20.19 13.39 -1.76
CA PHE A 1157 -20.17 13.47 -0.31
C PHE A 1157 -20.36 14.91 0.17
N ASN A 1158 -19.85 15.89 -0.58
CA ASN A 1158 -20.13 17.28 -0.24
C ASN A 1158 -21.60 17.61 -0.48
N GLN A 1159 -22.23 16.91 -1.43
CA GLN A 1159 -23.68 17.05 -1.59
C GLN A 1159 -24.42 16.39 -0.43
N GLN A 1160 -23.99 15.20 -0.02
CA GLN A 1160 -24.62 14.51 1.10
C GLN A 1160 -24.51 15.31 2.39
N LYS A 1161 -23.40 16.04 2.55
CA LYS A 1161 -23.19 16.81 3.77
C LYS A 1161 -24.29 17.84 4.01
N LYS A 1162 -24.80 18.47 2.94
CA LYS A 1162 -25.88 19.44 3.08
C LYS A 1162 -27.25 18.80 3.20
N LYS A 1163 -27.50 17.70 2.49
CA LYS A 1163 -28.79 17.04 2.57
C LYS A 1163 -28.98 16.34 3.91
N LEU A 1164 -27.89 15.88 4.53
CA LEU A 1164 -27.99 15.18 5.80
C LEU A 1164 -28.53 16.10 6.88
N GLY A 1165 -29.49 15.59 7.66
CA GLY A 1165 -30.02 16.34 8.78
C GLY A 1165 -28.96 16.73 9.80
N GLY A 1166 -28.06 15.80 10.13
CA GLY A 1166 -26.90 16.14 10.92
C GLY A 1166 -25.86 16.88 10.08
N GLN A 1167 -24.78 17.27 10.75
CA GLN A 1167 -23.71 17.98 10.05
C GLN A 1167 -22.76 17.06 9.31
N ASP A 1168 -22.17 16.07 9.99
CA ASP A 1168 -21.22 15.17 9.36
C ASP A 1168 -21.69 13.74 9.55
N ILE A 1169 -21.45 12.92 8.52
CA ILE A 1169 -21.88 11.52 8.47
C ILE A 1169 -20.89 10.66 9.23
N PHE A 1170 -21.23 9.39 9.46
CA PHE A 1170 -20.41 8.35 10.09
C PHE A 1170 -20.40 8.43 11.61
N MET A 1171 -21.28 9.25 12.19
CA MET A 1171 -21.36 9.37 13.64
C MET A 1171 -22.79 9.12 14.08
N THR A 1172 -22.99 8.15 14.97
CA THR A 1172 -24.29 7.98 15.59
C THR A 1172 -24.56 9.13 16.55
N GLU A 1173 -25.75 9.12 17.17
CA GLU A 1173 -26.05 10.15 18.16
C GLU A 1173 -25.08 10.11 19.33
N GLU A 1174 -24.78 8.90 19.82
CA GLU A 1174 -23.84 8.77 20.93
C GLU A 1174 -22.42 9.09 20.49
N GLN A 1175 -22.04 8.68 19.28
CA GLN A 1175 -20.73 9.04 18.76
C GLN A 1175 -20.61 10.54 18.56
N LYS A 1176 -21.72 11.17 18.20
CA LYS A 1176 -21.75 12.62 18.04
C LYS A 1176 -21.54 13.25 19.41
N LYS A 1177 -22.28 12.75 20.41
CA LYS A 1177 -22.16 13.25 21.77
C LYS A 1177 -20.71 13.16 22.25
N TYR A 1178 -20.06 12.02 22.00
CA TYR A 1178 -18.67 11.86 22.41
C TYR A 1178 -17.74 12.78 21.62
N TYR A 1179 -18.08 13.04 20.35
CA TYR A 1179 -17.33 14.03 19.57
C TYR A 1179 -17.40 15.40 20.23
N ASN A 1180 -18.61 15.85 20.57
CA ASN A 1180 -18.78 17.14 21.22
C ASN A 1180 -18.05 17.19 22.56
N ALA A 1181 -18.12 16.09 23.32
CA ALA A 1181 -17.51 16.07 24.64
C ALA A 1181 -15.98 16.10 24.54
N MET A 1182 -15.42 15.40 23.56
CA MET A 1182 -13.98 15.47 23.34
C MET A 1182 -13.56 16.86 22.87
N LYS A 1183 -14.39 17.51 22.06
CA LYS A 1183 -14.07 18.88 21.66
C LYS A 1183 -14.10 19.83 22.85
N LYS A 1184 -15.09 19.66 23.74
CA LYS A 1184 -15.12 20.46 24.97
C LYS A 1184 -13.90 20.16 25.84
N LEU A 1185 -13.42 18.92 25.81
CA LEU A 1185 -12.18 18.59 26.50
C LEU A 1185 -10.98 19.28 25.85
N GLY A 1186 -10.96 19.33 24.52
CA GLY A 1186 -9.85 19.93 23.81
C GLY A 1186 -9.88 21.44 23.79
N SER A 1187 -10.13 22.05 24.95
CA SER A 1187 -10.08 23.50 25.10
C SER A 1187 -8.73 23.88 25.72
N LYS A 1188 -8.03 24.81 25.07
CA LYS A 1188 -6.68 25.18 25.48
C LYS A 1188 -6.65 26.14 26.67
N LYS A 1189 -7.75 26.28 27.42
CA LYS A 1189 -7.77 27.16 28.57
C LYS A 1189 -7.53 26.34 29.84
N PRO A 1190 -6.35 26.40 30.44
CA PRO A 1190 -6.07 25.64 31.65
C PRO A 1190 -6.70 26.31 32.87
N GLN A 1191 -6.41 25.75 34.03
CA GLN A 1191 -6.90 26.26 35.30
C GLN A 1191 -5.93 27.32 35.82
N LYS A 1192 -6.12 27.74 37.08
CA LYS A 1192 -5.23 28.72 37.68
C LYS A 1192 -3.82 28.16 37.72
N PRO A 1193 -2.78 29.02 37.66
CA PRO A 1193 -1.41 28.51 37.54
C PRO A 1193 -0.98 27.61 38.67
N ILE A 1194 -0.96 28.11 39.90
CA ILE A 1194 -0.48 27.36 41.05
C ILE A 1194 -0.74 28.13 42.34
N PRO A 1195 -1.04 27.46 43.45
CA PRO A 1195 -1.03 28.12 44.75
C PRO A 1195 0.35 28.09 45.40
N ARG A 1196 0.52 28.97 46.39
CA ARG A 1196 1.81 29.16 47.05
C ARG A 1196 1.94 28.24 48.27
N PRO A 1197 3.08 27.56 48.43
CA PRO A 1197 3.22 26.66 49.59
C PRO A 1197 3.43 27.39 50.90
N LEU A 1198 3.76 28.68 50.86
CA LEU A 1198 3.99 29.51 52.05
C LEU A 1198 5.19 29.05 52.86
N ASN A 1199 5.98 28.13 52.33
CA ASN A 1199 7.21 27.69 52.98
C ASN A 1199 8.42 28.24 52.23
N LYS A 1200 9.47 28.57 52.98
CA LYS A 1200 10.66 29.14 52.38
C LYS A 1200 11.39 28.11 51.51
N TYR A 1201 11.72 26.95 52.09
CA TYR A 1201 12.41 25.92 51.32
C TYR A 1201 11.52 25.35 50.23
N GLN A 1202 10.28 25.00 50.57
CA GLN A 1202 9.36 24.50 49.56
C GLN A 1202 9.06 25.57 48.52
N GLY A 1203 9.01 26.83 48.92
CA GLY A 1203 8.85 27.90 47.94
C GLY A 1203 10.02 28.00 46.98
N PHE A 1204 11.24 27.83 47.50
CA PHE A 1204 12.42 27.81 46.64
C PHE A 1204 12.36 26.66 45.65
N ILE A 1205 12.02 25.46 46.13
CA ILE A 1205 11.95 24.30 45.24
C ILE A 1205 10.86 24.49 44.20
N PHE A 1206 9.73 25.07 44.59
CA PHE A 1206 8.66 25.32 43.63
C PHE A 1206 9.10 26.33 42.58
N ASP A 1207 9.73 27.44 43.01
CA ASP A 1207 10.12 28.47 42.06
C ASP A 1207 11.22 27.98 41.12
N ILE A 1208 12.04 27.02 41.58
CA ILE A 1208 13.05 26.47 40.68
C ILE A 1208 12.46 25.36 39.82
N VAL A 1209 11.33 24.78 40.24
CA VAL A 1209 10.76 23.65 39.50
C VAL A 1209 9.77 24.12 38.45
N THR A 1210 9.25 25.34 38.59
CA THR A 1210 8.20 25.83 37.71
C THR A 1210 8.71 26.83 36.66
N LYS A 1211 9.92 26.62 36.16
CA LYS A 1211 10.41 27.37 35.01
C LYS A 1211 10.41 26.48 33.77
N GLN A 1212 10.25 27.11 32.61
CA GLN A 1212 10.20 26.36 31.36
C GLN A 1212 11.49 25.59 31.10
N ALA A 1213 12.62 26.11 31.56
CA ALA A 1213 13.90 25.48 31.26
C ALA A 1213 14.04 24.14 31.98
N PHE A 1214 13.40 23.98 33.12
CA PHE A 1214 13.47 22.72 33.86
C PHE A 1214 12.87 21.58 33.04
N ASP A 1215 11.66 21.79 32.52
CA ASP A 1215 11.04 20.77 31.68
C ASP A 1215 11.82 20.57 30.39
N VAL A 1216 12.56 21.58 29.96
CA VAL A 1216 13.45 21.41 28.80
C VAL A 1216 14.58 20.46 29.14
N THR A 1217 15.18 20.61 30.33
CA THR A 1217 16.16 19.62 30.77
C THR A 1217 15.54 18.23 30.84
N ILE A 1218 14.30 18.14 31.34
CA ILE A 1218 13.64 16.85 31.48
C ILE A 1218 13.42 16.20 30.11
N MET A 1219 12.95 16.98 29.14
CA MET A 1219 12.76 16.42 27.80
C MET A 1219 14.10 16.07 27.18
N PHE A 1220 15.16 16.82 27.48
CA PHE A 1220 16.48 16.44 26.99
C PHE A 1220 16.88 15.08 27.56
N LEU A 1221 16.60 14.85 28.84
CA LEU A 1221 16.86 13.53 29.42
C LEU A 1221 16.06 12.45 28.72
N ILE A 1222 14.79 12.71 28.43
CA ILE A 1222 13.98 11.64 27.83
C ILE A 1222 14.40 11.38 26.39
N CYS A 1223 14.84 12.41 25.66
CA CYS A 1223 15.37 12.17 24.32
C CYS A 1223 16.71 11.44 24.37
N LEU A 1224 17.54 11.74 25.37
CA LEU A 1224 18.75 10.96 25.55
C LEU A 1224 18.43 9.50 25.86
N ASN A 1225 17.36 9.25 26.62
CA ASN A 1225 16.92 7.88 26.85
C ASN A 1225 16.47 7.23 25.55
N MET A 1226 15.74 7.99 24.72
CA MET A 1226 15.37 7.50 23.40
C MET A 1226 16.60 7.06 22.61
N VAL A 1227 17.62 7.93 22.57
CA VAL A 1227 18.84 7.61 21.83
C VAL A 1227 19.54 6.40 22.45
N THR A 1228 19.48 6.28 23.77
CA THR A 1228 20.01 5.08 24.42
C THR A 1228 19.26 3.84 23.96
N MET A 1229 17.97 3.98 23.68
CA MET A 1229 17.17 2.88 23.18
C MET A 1229 17.24 2.75 21.66
N MET A 1230 17.97 3.62 20.98
CA MET A 1230 18.25 3.44 19.55
C MET A 1230 19.57 2.73 19.29
N VAL A 1231 20.48 2.70 20.26
CA VAL A 1231 21.86 2.34 20.00
C VAL A 1231 22.16 0.89 20.42
N GLU A 1232 21.13 0.07 20.50
CA GLU A 1232 21.32 -1.35 20.76
C GLU A 1232 20.87 -2.16 19.55
N THR A 1233 21.46 -3.34 19.42
CA THR A 1233 21.13 -4.26 18.33
C THR A 1233 21.02 -5.65 18.96
N ASP A 1234 20.95 -6.68 18.12
CA ASP A 1234 21.07 -8.05 18.58
C ASP A 1234 22.53 -8.42 18.67
N ASP A 1235 22.82 -9.43 19.50
CA ASP A 1235 24.18 -9.93 19.80
C ASP A 1235 25.22 -8.82 19.78
N GLN A 1236 24.87 -7.69 20.40
CA GLN A 1236 25.70 -6.49 20.36
C GLN A 1236 27.06 -6.69 21.00
N SER A 1237 27.08 -6.81 22.33
CA SER A 1237 28.27 -7.11 23.13
C SER A 1237 27.83 -7.33 24.57
N PRO A 1238 28.38 -8.33 25.28
CA PRO A 1238 27.99 -8.52 26.68
C PRO A 1238 28.26 -7.30 27.55
N GLU A 1239 29.45 -6.71 27.42
CA GLU A 1239 29.71 -5.45 28.12
C GLU A 1239 28.73 -4.37 27.69
N LYS A 1240 28.31 -4.39 26.43
CA LYS A 1240 27.34 -3.40 25.95
C LYS A 1240 25.99 -3.60 26.61
N VAL A 1241 25.54 -4.86 26.75
CA VAL A 1241 24.31 -5.12 27.49
C VAL A 1241 24.44 -4.63 28.92
N ASN A 1242 25.60 -4.86 29.55
CA ASN A 1242 25.78 -4.42 30.93
C ASN A 1242 25.68 -2.91 31.05
N ILE A 1243 26.38 -2.18 30.17
CA ILE A 1243 26.34 -0.73 30.22
C ILE A 1243 24.93 -0.22 29.92
N LEU A 1244 24.24 -0.85 28.97
CA LEU A 1244 22.90 -0.39 28.63
C LEU A 1244 21.94 -0.60 29.79
N ALA A 1245 22.06 -1.73 30.48
CA ALA A 1245 21.23 -1.94 31.67
C ALA A 1245 21.56 -0.95 32.77
N LYS A 1246 22.86 -0.63 32.93
CA LYS A 1246 23.25 0.37 33.92
C LYS A 1246 22.64 1.71 33.60
N ILE A 1247 22.66 2.12 32.33
CA ILE A 1247 22.05 3.39 31.95
C ILE A 1247 20.54 3.34 32.10
N ASN A 1248 19.93 2.18 31.89
CA ASN A 1248 18.50 2.03 32.13
C ASN A 1248 18.16 2.30 33.59
N LEU A 1249 18.90 1.67 34.50
CA LEU A 1249 18.68 1.91 35.92
C LEU A 1249 18.97 3.35 36.30
N LEU A 1250 20.01 3.93 35.71
CA LEU A 1250 20.35 5.33 35.98
C LEU A 1250 19.22 6.25 35.52
N PHE A 1251 18.60 5.93 34.38
CA PHE A 1251 17.51 6.76 33.87
C PHE A 1251 16.26 6.63 34.72
N VAL A 1252 15.91 5.40 35.12
CA VAL A 1252 14.74 5.26 35.98
C VAL A 1252 14.99 5.94 37.31
N ALA A 1253 16.25 6.00 37.75
CA ALA A 1253 16.58 6.74 38.96
C ALA A 1253 16.36 8.23 38.75
N ILE A 1254 16.84 8.79 37.63
CA ILE A 1254 16.60 10.21 37.37
C ILE A 1254 15.12 10.49 37.31
N PHE A 1255 14.33 9.57 36.76
CA PHE A 1255 12.90 9.84 36.61
C PHE A 1255 12.17 9.72 37.94
N THR A 1256 12.55 8.78 38.79
CA THR A 1256 12.04 8.77 40.15
C THR A 1256 12.39 10.07 40.87
N GLY A 1257 13.59 10.60 40.61
CA GLY A 1257 14.00 11.83 41.26
C GLY A 1257 13.17 13.01 40.83
N GLU A 1258 12.97 13.18 39.51
CA GLU A 1258 12.14 14.28 39.04
C GLU A 1258 10.70 14.10 39.49
N CYS A 1259 10.23 12.85 39.58
CA CYS A 1259 8.87 12.59 40.05
C CYS A 1259 8.70 13.03 41.50
N ILE A 1260 9.63 12.64 42.37
CA ILE A 1260 9.48 13.00 43.78
C ILE A 1260 9.68 14.50 43.96
N VAL A 1261 10.55 15.12 43.17
CA VAL A 1261 10.73 16.56 43.26
C VAL A 1261 9.48 17.31 42.78
N LYS A 1262 8.80 16.80 41.76
CA LYS A 1262 7.57 17.44 41.32
C LYS A 1262 6.43 17.19 42.31
N MET A 1263 6.45 16.03 42.98
CA MET A 1263 5.48 15.79 44.05
C MET A 1263 5.73 16.71 45.22
N ALA A 1264 6.99 17.09 45.43
CA ALA A 1264 7.35 18.07 46.45
C ALA A 1264 7.47 19.48 45.90
N ALA A 1265 6.95 19.72 44.69
CA ALA A 1265 6.93 21.07 44.13
C ALA A 1265 6.19 22.00 45.08
N LEU A 1266 4.86 21.86 45.18
CA LEU A 1266 4.17 22.33 46.38
C LEU A 1266 3.41 21.19 47.08
N ARG A 1267 2.31 20.71 46.50
CA ARG A 1267 1.69 19.47 46.96
C ARG A 1267 0.96 18.73 45.85
N HIS A 1268 0.54 19.44 44.81
CA HIS A 1268 -0.60 19.05 43.99
C HIS A 1268 -0.21 18.42 42.66
N TYR A 1269 1.02 17.91 42.54
CA TYR A 1269 1.39 17.22 41.31
C TYR A 1269 0.56 15.96 41.11
N TYR A 1270 0.13 15.33 42.20
CA TYR A 1270 -0.62 14.08 42.11
C TYR A 1270 -1.99 14.26 41.48
N PHE A 1271 -2.52 15.49 41.44
CA PHE A 1271 -3.88 15.70 40.99
C PHE A 1271 -4.07 16.90 40.05
N THR A 1272 -3.03 17.64 39.71
CA THR A 1272 -3.26 18.85 38.91
C THR A 1272 -3.37 18.54 37.42
N ASN A 1273 -2.31 18.01 36.81
CA ASN A 1273 -2.25 17.92 35.35
C ASN A 1273 -2.20 16.45 34.92
N SER A 1274 -2.61 16.21 33.67
CA SER A 1274 -2.70 14.85 33.15
C SER A 1274 -1.36 14.32 32.69
N TRP A 1275 -0.50 15.16 32.11
CA TRP A 1275 0.85 14.73 31.78
C TRP A 1275 1.63 14.35 33.02
N ASN A 1276 1.40 15.04 34.15
CA ASN A 1276 2.03 14.68 35.40
C ASN A 1276 1.57 13.31 35.90
N ILE A 1277 0.27 13.01 35.83
CA ILE A 1277 -0.17 11.70 36.27
C ILE A 1277 0.29 10.62 35.31
N PHE A 1278 0.49 10.97 34.04
CA PHE A 1278 1.09 10.03 33.09
C PHE A 1278 2.51 9.70 33.49
N ASP A 1279 3.32 10.73 33.77
CA ASP A 1279 4.65 10.50 34.31
C ASP A 1279 4.60 9.67 35.58
N PHE A 1280 3.61 9.92 36.43
CA PHE A 1280 3.49 9.19 37.68
C PHE A 1280 3.28 7.70 37.43
N VAL A 1281 2.29 7.35 36.60
CA VAL A 1281 1.98 5.95 36.36
C VAL A 1281 3.13 5.26 35.64
N VAL A 1282 3.82 5.97 34.74
CA VAL A 1282 4.94 5.30 34.07
C VAL A 1282 6.11 5.14 35.03
N VAL A 1283 6.27 6.04 36.00
CA VAL A 1283 7.29 5.86 37.03
C VAL A 1283 6.98 4.60 37.84
N ILE A 1284 5.73 4.45 38.26
CA ILE A 1284 5.34 3.27 39.02
C ILE A 1284 5.62 2.01 38.22
N LEU A 1285 5.17 2.00 36.96
CA LEU A 1285 5.33 0.79 36.14
C LEU A 1285 6.80 0.50 35.86
N SER A 1286 7.63 1.54 35.74
CA SER A 1286 9.05 1.31 35.53
C SER A 1286 9.70 0.70 36.76
N ILE A 1287 9.36 1.22 37.95
CA ILE A 1287 9.86 0.62 39.19
C ILE A 1287 9.44 -0.84 39.27
N VAL A 1288 8.20 -1.15 38.89
CA VAL A 1288 7.79 -2.54 38.83
C VAL A 1288 8.60 -3.31 37.78
N GLY A 1289 9.03 -2.63 36.72
CA GLY A 1289 9.56 -3.28 35.54
C GLY A 1289 10.60 -4.36 35.69
N THR A 1290 11.83 -3.99 36.08
CA THR A 1290 12.96 -4.90 35.99
C THR A 1290 12.66 -6.29 36.55
N VAL A 1291 11.90 -6.34 37.64
CA VAL A 1291 11.69 -7.58 38.38
C VAL A 1291 10.99 -8.61 37.50
N LEU A 1292 9.78 -8.31 37.05
CA LEU A 1292 9.09 -9.24 36.15
C LEU A 1292 9.65 -9.19 34.75
N SER A 1293 10.36 -8.11 34.39
CA SER A 1293 11.06 -8.06 33.11
C SER A 1293 12.07 -9.19 32.99
N ASP A 1294 12.67 -9.57 34.12
CA ASP A 1294 13.48 -10.80 34.13
C ASP A 1294 12.69 -11.99 33.63
N ILE A 1295 11.41 -12.08 34.00
CA ILE A 1295 10.66 -13.33 33.88
C ILE A 1295 9.87 -13.42 32.58
N ILE A 1296 9.34 -12.31 32.09
CA ILE A 1296 8.34 -12.33 31.03
C ILE A 1296 8.97 -12.06 29.65
N GLN A 1297 10.27 -12.32 29.50
CA GLN A 1297 10.87 -12.25 28.17
C GLN A 1297 10.26 -13.29 27.24
N LYS A 1298 10.05 -14.51 27.74
CA LYS A 1298 9.40 -15.58 27.01
C LYS A 1298 7.91 -15.60 27.31
N TYR A 1299 7.17 -16.39 26.51
CA TYR A 1299 5.70 -16.45 26.55
C TYR A 1299 5.08 -15.05 26.67
N PHE A 1300 5.74 -14.08 26.06
CA PHE A 1300 5.38 -12.67 26.07
C PHE A 1300 6.40 -11.97 25.18
N PHE A 1301 6.16 -10.70 24.90
CA PHE A 1301 7.09 -9.95 24.06
C PHE A 1301 8.27 -9.47 24.91
N SER A 1302 9.10 -8.61 24.33
CA SER A 1302 10.26 -8.09 25.06
C SER A 1302 9.79 -7.24 26.23
N PRO A 1303 10.17 -7.56 27.46
CA PRO A 1303 9.67 -6.80 28.61
C PRO A 1303 10.32 -5.44 28.78
N THR A 1304 11.33 -5.10 27.97
CA THR A 1304 11.83 -3.74 27.96
C THR A 1304 10.97 -2.86 27.06
N LEU A 1305 10.08 -3.47 26.27
CA LEU A 1305 9.17 -2.71 25.41
C LEU A 1305 8.38 -1.69 26.21
N PHE A 1306 8.04 -2.02 27.45
CA PHE A 1306 7.24 -1.10 28.26
C PHE A 1306 7.96 0.20 28.57
N ARG A 1307 9.27 0.28 28.33
CA ARG A 1307 9.97 1.55 28.50
C ARG A 1307 9.70 2.52 27.37
N VAL A 1308 9.19 2.04 26.24
CA VAL A 1308 8.92 2.92 25.11
C VAL A 1308 7.78 3.87 25.44
N ILE A 1309 6.88 3.49 26.35
CA ILE A 1309 5.78 4.36 26.75
C ILE A 1309 6.30 5.69 27.28
N ARG A 1310 7.48 5.70 27.90
CA ARG A 1310 8.06 6.95 28.38
C ARG A 1310 8.23 7.97 27.26
N LEU A 1311 8.41 7.49 26.02
CA LEU A 1311 8.60 8.40 24.89
C LEU A 1311 7.37 9.28 24.67
N ALA A 1312 6.19 8.76 25.02
CA ALA A 1312 4.96 9.53 24.82
C ALA A 1312 4.95 10.86 25.56
N ARG A 1313 5.89 11.09 26.48
CA ARG A 1313 5.88 12.32 27.25
C ARG A 1313 6.34 13.53 26.45
N ILE A 1314 6.95 13.33 25.28
CA ILE A 1314 7.37 14.46 24.46
C ILE A 1314 6.16 15.27 24.01
N GLY A 1315 4.96 14.68 24.05
CA GLY A 1315 3.76 15.42 23.75
C GLY A 1315 3.54 16.60 24.66
N ARG A 1316 4.05 16.52 25.89
CA ARG A 1316 3.88 17.64 26.82
C ARG A 1316 4.60 18.89 26.30
N ILE A 1317 5.87 18.76 25.94
CA ILE A 1317 6.57 19.92 25.42
C ILE A 1317 6.11 20.23 24.01
N LEU A 1318 5.54 19.25 23.31
CA LEU A 1318 4.91 19.55 22.03
C LEU A 1318 3.71 20.47 22.24
N ARG A 1319 3.05 20.35 23.39
CA ARG A 1319 1.96 21.26 23.72
C ARG A 1319 2.48 22.60 24.23
N LEU A 1320 3.59 22.58 24.97
CA LEU A 1320 4.07 23.79 25.63
C LEU A 1320 5.06 24.60 24.80
N ILE A 1321 5.41 24.13 23.59
CA ILE A 1321 6.17 24.99 22.68
C ILE A 1321 5.22 25.92 21.92
N ARG A 1322 5.80 26.92 21.27
CA ARG A 1322 5.03 27.88 20.48
C ARG A 1322 5.25 27.75 18.98
N GLY A 1323 6.44 27.30 18.56
CA GLY A 1323 6.75 27.31 17.14
C GLY A 1323 5.91 26.33 16.34
N ALA A 1324 6.06 25.03 16.60
CA ALA A 1324 5.37 24.00 15.86
C ALA A 1324 3.98 23.79 16.47
N LYS A 1325 2.96 24.34 15.83
CA LYS A 1325 1.61 24.30 16.35
C LYS A 1325 0.61 23.56 15.49
N GLY A 1326 0.81 23.50 14.16
CA GLY A 1326 -0.09 22.74 13.32
C GLY A 1326 -0.11 21.26 13.66
N ILE A 1327 1.02 20.72 14.12
CA ILE A 1327 1.10 19.32 14.50
C ILE A 1327 0.13 19.00 15.64
N ARG A 1328 -0.07 19.94 16.56
CA ARG A 1328 -1.03 19.74 17.64
C ARG A 1328 -2.43 19.54 17.09
N THR A 1329 -2.88 20.44 16.21
CA THR A 1329 -4.18 20.30 15.59
C THR A 1329 -4.27 19.03 14.76
N LEU A 1330 -3.16 18.61 14.15
CA LEU A 1330 -3.14 17.37 13.37
C LEU A 1330 -3.43 16.17 14.26
N LEU A 1331 -2.70 16.04 15.36
CA LEU A 1331 -2.93 14.91 16.25
C LEU A 1331 -4.31 14.98 16.90
N PHE A 1332 -4.80 16.19 17.20
CA PHE A 1332 -6.14 16.31 17.76
C PHE A 1332 -7.19 15.92 16.72
N ALA A 1333 -6.93 16.19 15.44
CA ALA A 1333 -7.84 15.75 14.40
C ALA A 1333 -7.83 14.24 14.26
N LEU A 1334 -6.67 13.62 14.47
CA LEU A 1334 -6.63 12.16 14.55
C LEU A 1334 -7.52 11.66 15.68
N MET A 1335 -7.38 12.26 16.87
CA MET A 1335 -8.24 11.89 17.98
C MET A 1335 -9.71 12.09 17.65
N MET A 1336 -10.03 13.13 16.89
CA MET A 1336 -11.41 13.39 16.49
C MET A 1336 -11.91 12.34 15.50
N SER A 1337 -11.04 11.88 14.60
CA SER A 1337 -11.44 10.92 13.58
C SER A 1337 -11.35 9.47 14.04
N LEU A 1338 -10.87 9.23 15.26
CA LEU A 1338 -10.82 7.87 15.79
C LEU A 1338 -12.17 7.15 15.83
N PRO A 1339 -13.28 7.77 16.25
CA PRO A 1339 -14.55 7.00 16.31
C PRO A 1339 -15.11 6.64 14.94
N ALA A 1340 -15.04 7.58 13.98
CA ALA A 1340 -15.47 7.26 12.62
C ALA A 1340 -14.66 6.11 12.05
N LEU A 1341 -13.33 6.18 12.19
CA LEU A 1341 -12.49 5.07 11.78
C LEU A 1341 -12.85 3.79 12.52
N PHE A 1342 -13.28 3.89 13.78
CA PHE A 1342 -13.72 2.71 14.52
C PHE A 1342 -14.92 2.07 13.86
N ASN A 1343 -15.94 2.87 13.55
CA ASN A 1343 -17.14 2.34 12.90
C ASN A 1343 -16.81 1.73 11.54
N ILE A 1344 -16.01 2.44 10.73
CA ILE A 1344 -15.70 1.97 9.38
C ILE A 1344 -14.87 0.70 9.44
N GLY A 1345 -13.90 0.65 10.35
CA GLY A 1345 -13.10 -0.56 10.52
C GLY A 1345 -13.90 -1.70 11.11
N LEU A 1346 -14.97 -1.39 11.85
CA LEU A 1346 -15.86 -2.44 12.33
C LEU A 1346 -16.63 -3.05 11.16
N LEU A 1347 -17.17 -2.21 10.28
CA LEU A 1347 -17.79 -2.73 9.07
C LEU A 1347 -16.78 -3.51 8.22
N LEU A 1348 -15.55 -3.03 8.16
CA LEU A 1348 -14.52 -3.72 7.38
C LEU A 1348 -14.18 -5.06 8.01
N PHE A 1349 -14.16 -5.13 9.35
CA PHE A 1349 -13.96 -6.40 10.04
C PHE A 1349 -15.09 -7.35 9.73
N LEU A 1350 -16.33 -6.85 9.71
CA LEU A 1350 -17.46 -7.69 9.35
C LEU A 1350 -17.34 -8.21 7.93
N VAL A 1351 -16.86 -7.36 7.01
CA VAL A 1351 -16.69 -7.78 5.62
C VAL A 1351 -15.61 -8.85 5.51
N MET A 1352 -14.47 -8.63 6.17
CA MET A 1352 -13.44 -9.66 6.26
C MET A 1352 -14.00 -10.95 6.83
N PHE A 1353 -14.90 -10.84 7.81
CA PHE A 1353 -15.50 -12.00 8.43
C PHE A 1353 -16.35 -12.79 7.43
N ILE A 1354 -17.29 -12.10 6.78
CA ILE A 1354 -18.13 -12.73 5.77
C ILE A 1354 -17.29 -13.39 4.69
N TYR A 1355 -16.32 -12.63 4.14
CA TYR A 1355 -15.54 -13.15 3.04
C TYR A 1355 -14.61 -14.27 3.47
N SER A 1356 -14.15 -14.25 4.72
CA SER A 1356 -13.30 -15.33 5.21
C SER A 1356 -14.10 -16.61 5.35
N ILE A 1357 -15.36 -16.50 5.78
CA ILE A 1357 -16.20 -17.69 5.81
C ILE A 1357 -16.52 -18.15 4.40
N PHE A 1358 -16.77 -17.21 3.48
CA PHE A 1358 -16.98 -17.53 2.08
C PHE A 1358 -15.82 -18.31 1.51
N GLY A 1359 -14.59 -17.89 1.81
CA GLY A 1359 -13.43 -18.57 1.28
C GLY A 1359 -13.15 -19.88 1.98
N MET A 1360 -13.40 -19.93 3.30
CA MET A 1360 -13.21 -21.15 4.04
C MET A 1360 -14.15 -22.24 3.53
N ALA A 1361 -15.34 -21.85 3.07
CA ALA A 1361 -16.19 -22.79 2.37
C ALA A 1361 -15.67 -23.07 0.95
N ASN A 1362 -15.32 -22.01 0.22
CA ASN A 1362 -14.94 -22.07 -1.18
C ASN A 1362 -13.47 -22.44 -1.39
N PHE A 1363 -12.56 -21.61 -0.88
CA PHE A 1363 -11.15 -21.67 -1.23
C PHE A 1363 -10.34 -22.63 -0.37
N ALA A 1364 -10.95 -23.23 0.64
CA ALA A 1364 -10.25 -24.31 1.32
C ALA A 1364 -9.88 -25.39 0.32
N TYR A 1365 -8.82 -26.13 0.64
CA TYR A 1365 -8.26 -27.20 -0.17
C TYR A 1365 -7.59 -26.69 -1.45
N VAL A 1366 -7.61 -25.39 -1.70
CA VAL A 1366 -6.94 -24.85 -2.89
C VAL A 1366 -5.45 -25.14 -2.81
N LYS A 1367 -4.84 -25.41 -3.96
CA LYS A 1367 -3.42 -25.75 -3.99
C LYS A 1367 -2.58 -24.58 -3.50
N TRP A 1368 -1.52 -24.91 -2.77
CA TRP A 1368 -0.65 -23.91 -2.14
C TRP A 1368 0.32 -23.39 -3.19
N GLU A 1369 0.22 -22.10 -3.48
CA GLU A 1369 0.97 -21.48 -4.58
C GLU A 1369 1.28 -20.04 -4.18
N ALA A 1370 1.56 -19.21 -5.18
CA ALA A 1370 2.30 -17.96 -5.02
C ALA A 1370 1.95 -17.19 -3.75
N GLY A 1371 0.68 -16.84 -3.56
CA GLY A 1371 0.31 -16.08 -2.39
C GLY A 1371 -0.35 -16.87 -1.29
N ILE A 1372 -0.75 -18.10 -1.53
CA ILE A 1372 -1.44 -18.91 -0.54
C ILE A 1372 -0.42 -19.93 -0.05
N ASP A 1373 0.09 -19.72 1.14
CA ASP A 1373 1.16 -20.52 1.72
C ASP A 1373 0.57 -21.59 2.64
N ASP A 1374 1.44 -22.27 3.38
CA ASP A 1374 1.00 -23.22 4.40
C ASP A 1374 0.59 -22.55 5.70
N MET A 1375 0.77 -21.24 5.81
CA MET A 1375 0.33 -20.47 6.97
C MET A 1375 -0.69 -19.40 6.63
N PHE A 1376 -0.58 -18.79 5.46
CA PHE A 1376 -1.58 -17.87 4.95
C PHE A 1376 -2.48 -18.66 4.02
N ASN A 1377 -3.72 -18.89 4.46
CA ASN A 1377 -4.56 -19.91 3.88
C ASN A 1377 -6.01 -19.53 4.08
N PHE A 1378 -6.90 -20.41 3.66
CA PHE A 1378 -8.31 -20.34 4.00
C PHE A 1378 -8.75 -21.58 4.73
N GLN A 1379 -7.82 -22.44 5.15
CA GLN A 1379 -8.17 -23.72 5.75
C GLN A 1379 -8.77 -23.56 7.14
N THR A 1380 -8.57 -22.40 7.76
CA THR A 1380 -9.16 -22.12 9.06
C THR A 1380 -9.71 -20.70 9.08
N PHE A 1381 -10.05 -20.19 10.26
CA PHE A 1381 -10.52 -18.83 10.36
C PHE A 1381 -9.40 -17.85 10.66
N ALA A 1382 -8.40 -18.29 11.44
CA ALA A 1382 -7.23 -17.46 11.66
C ALA A 1382 -6.52 -17.16 10.35
N ASN A 1383 -6.21 -18.21 9.59
CA ASN A 1383 -5.52 -18.03 8.31
C ASN A 1383 -6.34 -17.18 7.35
N SER A 1384 -7.65 -17.41 7.31
CA SER A 1384 -8.51 -16.64 6.42
C SER A 1384 -8.52 -15.17 6.81
N MET A 1385 -8.56 -14.88 8.11
CA MET A 1385 -8.49 -13.51 8.55
C MET A 1385 -7.15 -12.87 8.20
N LEU A 1386 -6.08 -13.65 8.26
CA LEU A 1386 -4.76 -13.14 7.88
C LEU A 1386 -4.73 -12.74 6.40
N CYS A 1387 -5.10 -13.68 5.52
CA CYS A 1387 -5.14 -13.40 4.09
C CYS A 1387 -6.05 -12.21 3.78
N LEU A 1388 -7.25 -12.22 4.36
CA LEU A 1388 -8.21 -11.13 4.15
C LEU A 1388 -7.62 -9.80 4.57
N PHE A 1389 -6.88 -9.76 5.68
CA PHE A 1389 -6.30 -8.50 6.13
C PHE A 1389 -5.21 -8.04 5.17
N GLN A 1390 -4.32 -8.94 4.77
CA GLN A 1390 -3.27 -8.54 3.83
C GLN A 1390 -3.88 -8.01 2.54
N ILE A 1391 -4.95 -8.64 2.07
CA ILE A 1391 -5.62 -8.19 0.85
C ILE A 1391 -6.28 -6.83 1.06
N THR A 1392 -6.79 -6.58 2.26
CA THR A 1392 -7.56 -5.37 2.53
C THR A 1392 -6.88 -4.10 2.01
N THR A 1393 -5.56 -4.08 1.98
CA THR A 1393 -4.81 -2.95 1.45
C THR A 1393 -4.41 -3.16 0.00
N SER A 1394 -5.12 -4.03 -0.71
CA SER A 1394 -4.89 -4.44 -2.09
C SER A 1394 -3.61 -5.25 -2.25
N ALA A 1395 -2.84 -5.45 -1.19
CA ALA A 1395 -1.55 -6.10 -1.31
C ALA A 1395 -1.72 -7.57 -1.72
N GLY A 1396 -0.78 -8.04 -2.55
CA GLY A 1396 -0.64 -9.44 -2.85
C GLY A 1396 -1.87 -10.17 -3.34
N TRP A 1397 -2.94 -9.44 -3.68
CA TRP A 1397 -4.17 -10.11 -4.09
C TRP A 1397 -4.01 -10.84 -5.41
N ASP A 1398 -3.07 -10.42 -6.25
CA ASP A 1398 -2.73 -11.20 -7.43
C ASP A 1398 -2.15 -12.55 -7.03
N GLY A 1399 -1.31 -12.56 -5.99
CA GLY A 1399 -0.72 -13.80 -5.53
C GLY A 1399 -1.71 -14.74 -4.90
N LEU A 1400 -2.81 -14.22 -4.36
CA LEU A 1400 -3.85 -15.08 -3.83
C LEU A 1400 -4.78 -15.56 -4.95
N LEU A 1401 -5.05 -14.71 -5.94
CA LEU A 1401 -5.90 -15.11 -7.05
C LEU A 1401 -5.23 -16.20 -7.89
N SER A 1402 -3.95 -16.02 -8.24
CA SER A 1402 -3.25 -16.90 -9.17
C SER A 1402 -3.31 -18.39 -8.85
N PRO A 1403 -3.42 -18.82 -7.59
CA PRO A 1403 -3.70 -20.22 -7.32
C PRO A 1403 -5.17 -20.60 -7.33
N ILE A 1404 -6.08 -19.63 -7.30
CA ILE A 1404 -7.50 -19.91 -7.50
C ILE A 1404 -7.78 -20.27 -8.94
N LEU A 1405 -7.19 -19.53 -9.89
CA LEU A 1405 -7.58 -19.64 -11.29
C LEU A 1405 -7.15 -20.96 -11.90
N ASN A 1406 -6.00 -21.49 -11.52
CA ASN A 1406 -5.42 -22.59 -12.28
C ASN A 1406 -6.27 -23.85 -12.16
N THR A 1407 -6.98 -24.15 -13.24
CA THR A 1407 -7.84 -25.32 -13.27
C THR A 1407 -7.38 -26.32 -14.33
N GLY A 1408 -6.74 -27.40 -13.90
CA GLY A 1408 -6.25 -28.42 -14.81
C GLY A 1408 -4.76 -28.65 -14.67
N PRO A 1409 -4.26 -29.71 -15.34
CA PRO A 1409 -2.84 -30.08 -15.32
C PRO A 1409 -1.95 -29.05 -16.00
N PRO A 1410 -0.66 -29.00 -15.61
CA PRO A 1410 -0.09 -29.93 -14.64
C PRO A 1410 -0.25 -29.45 -13.20
N TYR A 1411 -0.51 -28.16 -13.03
CA TYR A 1411 -0.68 -27.59 -11.70
C TYR A 1411 -1.72 -28.35 -10.87
N CYS A 1412 -2.92 -28.51 -11.42
CA CYS A 1412 -3.99 -29.21 -10.73
C CYS A 1412 -3.90 -30.71 -11.06
N ASP A 1413 -4.79 -31.47 -10.43
CA ASP A 1413 -4.87 -32.91 -10.60
C ASP A 1413 -6.33 -33.33 -10.70
N PRO A 1414 -6.58 -34.64 -10.78
CA PRO A 1414 -7.94 -35.19 -10.87
C PRO A 1414 -8.55 -35.38 -9.49
N ASN A 1415 -9.02 -36.59 -9.20
CA ASN A 1415 -9.61 -36.89 -7.91
C ASN A 1415 -8.60 -36.79 -6.77
N LEU A 1416 -9.05 -36.28 -5.63
CA LEU A 1416 -8.18 -36.13 -4.48
C LEU A 1416 -8.94 -36.40 -3.18
N PRO A 1417 -8.34 -37.21 -2.29
CA PRO A 1417 -8.95 -37.56 -1.01
C PRO A 1417 -8.78 -36.45 0.03
N ASN A 1418 -9.78 -35.60 0.16
CA ASN A 1418 -9.74 -34.50 1.12
C ASN A 1418 -10.44 -34.85 2.42
N SER A 1419 -10.03 -34.20 3.51
CA SER A 1419 -10.63 -34.46 4.81
C SER A 1419 -12.12 -34.17 4.74
N ASN A 1420 -12.53 -33.55 3.64
CA ASN A 1420 -13.92 -33.20 3.39
C ASN A 1420 -14.35 -33.72 2.02
N GLY A 1421 -15.65 -33.96 1.87
CA GLY A 1421 -16.16 -34.60 0.67
C GLY A 1421 -15.85 -33.87 -0.63
N SER A 1422 -15.74 -32.54 -0.58
CA SER A 1422 -15.45 -31.76 -1.78
C SER A 1422 -14.10 -32.17 -2.34
N ARG A 1423 -14.09 -32.63 -3.59
CA ARG A 1423 -12.87 -33.09 -4.25
C ARG A 1423 -12.34 -32.02 -5.19
N GLY A 1424 -11.01 -31.97 -5.34
CA GLY A 1424 -10.39 -30.99 -6.21
C GLY A 1424 -9.62 -29.92 -5.47
N ASN A 1425 -8.31 -29.88 -5.68
CA ASN A 1425 -7.45 -28.88 -5.05
C ASN A 1425 -7.36 -27.60 -5.86
N CYS A 1426 -8.33 -27.36 -6.75
CA CYS A 1426 -8.36 -26.17 -7.58
C CYS A 1426 -9.38 -25.19 -7.03
N GLY A 1427 -9.44 -24.03 -7.66
CA GLY A 1427 -10.43 -23.01 -7.35
C GLY A 1427 -11.31 -22.77 -8.56
N SER A 1428 -12.54 -22.35 -8.31
CA SER A 1428 -13.44 -22.04 -9.41
C SER A 1428 -13.11 -20.65 -9.94
N PRO A 1429 -12.63 -20.57 -11.19
CA PRO A 1429 -12.28 -19.25 -11.73
C PRO A 1429 -13.43 -18.26 -11.68
N ALA A 1430 -14.65 -18.69 -11.96
CA ALA A 1430 -15.79 -17.79 -11.90
C ALA A 1430 -15.94 -17.20 -10.51
N VAL A 1431 -16.16 -18.06 -9.50
CA VAL A 1431 -16.38 -17.55 -8.16
C VAL A 1431 -15.10 -16.98 -7.58
N GLY A 1432 -13.94 -17.45 -8.04
CA GLY A 1432 -12.68 -16.89 -7.57
C GLY A 1432 -12.50 -15.44 -7.98
N ILE A 1433 -12.63 -15.18 -9.28
CA ILE A 1433 -12.56 -13.81 -9.78
C ILE A 1433 -13.64 -12.97 -9.15
N LEU A 1434 -14.85 -13.52 -9.01
CA LEU A 1434 -15.93 -12.78 -8.38
C LEU A 1434 -15.56 -12.36 -6.97
N PHE A 1435 -15.21 -13.32 -6.12
CA PHE A 1435 -14.77 -13.07 -4.76
C PHE A 1435 -13.70 -11.99 -4.71
N PHE A 1436 -12.58 -12.24 -5.38
CA PHE A 1436 -11.41 -11.38 -5.21
C PHE A 1436 -11.65 -9.98 -5.77
N THR A 1437 -12.21 -9.87 -6.97
CA THR A 1437 -12.45 -8.56 -7.54
C THR A 1437 -13.49 -7.78 -6.75
N THR A 1438 -14.59 -8.42 -6.36
CA THR A 1438 -15.61 -7.73 -5.57
C THR A 1438 -15.06 -7.30 -4.22
N TYR A 1439 -14.22 -8.14 -3.61
CA TYR A 1439 -13.61 -7.75 -2.34
C TYR A 1439 -12.67 -6.57 -2.52
N ILE A 1440 -11.82 -6.62 -3.55
CA ILE A 1440 -10.95 -5.50 -3.86
C ILE A 1440 -11.75 -4.22 -3.96
N ILE A 1441 -12.85 -4.25 -4.71
CA ILE A 1441 -13.61 -3.04 -4.96
C ILE A 1441 -14.35 -2.58 -3.70
N ILE A 1442 -14.92 -3.53 -2.95
CA ILE A 1442 -15.67 -3.17 -1.74
C ILE A 1442 -14.74 -2.59 -0.69
N SER A 1443 -13.65 -3.30 -0.40
CA SER A 1443 -12.65 -2.79 0.54
C SER A 1443 -12.09 -1.47 0.06
N PHE A 1444 -11.90 -1.31 -1.25
CA PHE A 1444 -11.46 -0.03 -1.79
C PHE A 1444 -12.43 1.08 -1.40
N LEU A 1445 -13.72 0.87 -1.65
CA LEU A 1445 -14.70 1.91 -1.32
C LEU A 1445 -14.74 2.18 0.18
N ILE A 1446 -14.64 1.13 0.99
CA ILE A 1446 -14.70 1.29 2.44
C ILE A 1446 -13.51 2.11 2.94
N VAL A 1447 -12.30 1.76 2.47
CA VAL A 1447 -11.13 2.50 2.93
C VAL A 1447 -11.12 3.92 2.35
N VAL A 1448 -11.68 4.12 1.16
CA VAL A 1448 -11.78 5.48 0.67
C VAL A 1448 -12.74 6.29 1.54
N ASN A 1449 -13.79 5.66 2.06
CA ASN A 1449 -14.66 6.40 2.98
C ASN A 1449 -13.99 6.64 4.33
N MET A 1450 -13.10 5.72 4.74
CA MET A 1450 -12.23 5.99 5.88
C MET A 1450 -11.42 7.26 5.65
N TYR A 1451 -10.71 7.29 4.53
CA TYR A 1451 -9.95 8.48 4.14
C TYR A 1451 -10.86 9.71 4.10
N ILE A 1452 -12.11 9.52 3.68
CA ILE A 1452 -13.06 10.63 3.57
C ILE A 1452 -13.36 11.21 4.94
N ALA A 1453 -13.69 10.34 5.90
CA ALA A 1453 -13.93 10.79 7.26
C ALA A 1453 -12.72 11.54 7.80
N ILE A 1454 -11.53 10.96 7.61
CA ILE A 1454 -10.31 11.59 8.08
C ILE A 1454 -10.18 13.00 7.50
N ILE A 1455 -10.29 13.11 6.18
CA ILE A 1455 -10.08 14.40 5.53
C ILE A 1455 -11.21 15.39 5.78
N LEU A 1456 -12.44 14.94 6.02
CA LEU A 1456 -13.50 15.89 6.33
C LEU A 1456 -13.32 16.44 7.73
N GLU A 1457 -12.81 15.62 8.66
CA GLU A 1457 -12.43 16.18 9.95
C GLU A 1457 -11.27 17.15 9.81
N ASN A 1458 -10.27 16.79 9.00
CA ASN A 1458 -9.13 17.68 8.79
C ASN A 1458 -9.54 18.98 8.13
N PHE A 1459 -10.63 18.97 7.36
CA PHE A 1459 -11.13 20.19 6.75
C PHE A 1459 -12.00 20.98 7.70
N SER A 1460 -12.70 20.29 8.61
CA SER A 1460 -13.46 20.99 9.64
C SER A 1460 -12.52 21.72 10.60
N VAL A 1461 -11.39 21.11 10.93
CA VAL A 1461 -10.43 21.79 11.82
C VAL A 1461 -9.59 22.80 11.05
N ALA A 1462 -9.69 22.83 9.72
CA ALA A 1462 -8.91 23.77 8.92
C ALA A 1462 -9.33 25.21 9.16
N VAL B 1 32.91 -24.07 47.68
CA VAL B 1 31.68 -23.30 47.62
C VAL B 1 31.78 -22.20 46.56
N ARG B 2 30.64 -21.83 45.99
CA ARG B 2 30.56 -20.72 45.05
C ARG B 2 29.80 -19.56 45.68
N ASP B 3 30.27 -18.34 45.39
CA ASP B 3 29.76 -17.13 46.02
C ASP B 3 29.00 -16.31 44.99
N GLY B 4 27.77 -15.94 45.33
CA GLY B 4 26.96 -15.13 44.44
C GLY B 4 25.50 -15.17 44.86
N TYR B 5 24.70 -14.37 44.18
CA TYR B 5 23.25 -14.41 44.40
C TYR B 5 22.71 -15.78 43.99
N ILE B 6 21.59 -16.16 44.59
CA ILE B 6 20.99 -17.47 44.36
C ILE B 6 19.94 -17.34 43.28
N ALA B 7 20.00 -18.23 42.30
CA ALA B 7 19.08 -18.22 41.17
C ALA B 7 17.72 -18.77 41.58
N GLN B 8 16.77 -18.71 40.65
CA GLN B 8 15.50 -19.40 40.73
C GLN B 8 15.44 -20.46 39.64
N PRO B 9 15.03 -21.68 39.97
CA PRO B 9 14.98 -22.74 38.96
C PRO B 9 14.14 -22.32 37.76
N GLU B 10 14.72 -22.49 36.57
CA GLU B 10 16.06 -23.04 36.44
C GLU B 10 17.14 -21.95 36.40
N ASN B 11 17.04 -21.06 35.40
CA ASN B 11 18.02 -20.00 35.20
C ASN B 11 17.33 -18.66 35.41
N CYS B 12 17.24 -18.21 36.66
CA CYS B 12 16.52 -16.99 36.97
C CYS B 12 17.20 -16.35 38.18
N VAL B 13 16.49 -15.44 38.84
CA VAL B 13 16.91 -14.91 40.13
C VAL B 13 15.81 -15.17 41.15
N TYR B 14 16.21 -15.36 42.40
CA TYR B 14 15.23 -15.28 43.48
C TYR B 14 14.94 -13.81 43.77
N HIS B 15 14.17 -13.56 44.83
CA HIS B 15 13.73 -12.21 45.11
C HIS B 15 14.01 -11.86 46.56
N CYS B 16 14.50 -10.65 46.78
CA CYS B 16 14.80 -10.14 48.11
C CYS B 16 13.55 -9.55 48.74
N PHE B 17 13.75 -8.99 49.93
CA PHE B 17 12.69 -8.35 50.70
C PHE B 17 13.30 -7.25 51.54
N PRO B 18 12.48 -6.31 52.03
CA PRO B 18 13.04 -5.20 52.82
C PRO B 18 13.58 -5.65 54.17
N GLY B 19 14.63 -6.47 54.14
CA GLY B 19 15.27 -6.95 55.34
C GLY B 19 16.18 -8.14 55.08
N SER B 20 17.24 -8.26 55.88
CA SER B 20 18.16 -9.38 55.76
C SER B 20 17.57 -10.70 56.23
N SER B 21 16.36 -10.68 56.80
CA SER B 21 15.72 -11.88 57.29
C SER B 21 14.86 -12.57 56.24
N GLY B 22 14.60 -11.91 55.12
CA GLY B 22 13.78 -12.49 54.06
C GLY B 22 14.32 -13.79 53.52
N CYS B 23 15.54 -13.72 52.97
CA CYS B 23 16.21 -14.86 52.34
C CYS B 23 17.26 -15.69 53.11
N ASP B 24 17.50 -15.39 54.39
CA ASP B 24 18.51 -16.17 55.14
C ASP B 24 18.08 -17.64 55.19
N THR B 25 16.79 -17.84 55.45
CA THR B 25 16.18 -19.16 55.46
C THR B 25 16.33 -19.78 54.07
N LEU B 26 16.16 -18.99 53.00
CA LEU B 26 16.33 -19.53 51.66
C LEU B 26 17.75 -20.07 51.52
N CYS B 27 18.79 -19.34 52.00
CA CYS B 27 20.14 -19.93 51.91
C CYS B 27 20.24 -21.22 52.72
N LYS B 28 19.57 -21.27 53.88
CA LYS B 28 19.57 -22.49 54.65
C LYS B 28 18.93 -23.66 53.86
N GLU B 29 17.86 -23.38 53.08
CA GLU B 29 17.19 -24.46 52.35
C GLU B 29 17.98 -25.03 51.16
N LYS B 30 18.59 -24.19 50.33
CA LYS B 30 19.38 -24.75 49.24
C LYS B 30 20.80 -25.13 49.66
N GLY B 31 21.21 -24.77 50.87
CA GLY B 31 22.56 -25.07 51.33
C GLY B 31 23.38 -23.83 51.60
N GLY B 32 22.73 -22.75 52.02
CA GLY B 32 23.40 -21.49 52.31
C GLY B 32 23.46 -21.22 53.80
N THR B 33 24.55 -20.61 54.25
CA THR B 33 24.69 -20.28 55.66
C THR B 33 24.39 -18.81 55.92
N SER B 34 25.11 -17.91 55.26
CA SER B 34 24.90 -16.48 55.39
C SER B 34 23.69 -16.06 54.56
N GLY B 35 23.27 -14.81 54.74
CA GLY B 35 22.15 -14.29 53.97
C GLY B 35 21.97 -12.80 54.18
N HIS B 36 21.83 -12.09 53.06
CA HIS B 36 21.40 -10.70 53.05
C HIS B 36 20.92 -10.37 51.63
N CYS B 37 20.59 -9.10 51.40
CA CYS B 37 20.00 -8.71 50.13
C CYS B 37 21.05 -8.66 49.02
N GLY B 38 20.56 -8.61 47.78
CA GLY B 38 21.44 -8.59 46.63
C GLY B 38 20.77 -7.89 45.46
N PHE B 39 21.57 -7.61 44.42
CA PHE B 39 21.09 -6.90 43.25
C PHE B 39 21.74 -7.49 41.99
N LYS B 40 20.92 -8.07 41.11
CA LYS B 40 21.37 -8.55 39.81
C LYS B 40 20.82 -7.61 38.74
N VAL B 41 21.72 -6.86 38.11
CA VAL B 41 21.31 -5.99 37.01
C VAL B 41 20.72 -6.81 35.88
N GLY B 42 19.73 -6.25 35.20
CA GLY B 42 19.06 -6.90 34.10
C GLY B 42 18.00 -7.90 34.51
N HIS B 43 18.09 -8.44 35.73
CA HIS B 43 17.13 -9.43 36.20
C HIS B 43 16.44 -8.97 37.47
N GLY B 44 17.08 -8.08 38.24
CA GLY B 44 16.42 -7.40 39.32
C GLY B 44 16.99 -7.79 40.67
N LEU B 45 16.20 -7.56 41.71
CA LEU B 45 16.61 -7.77 43.09
C LEU B 45 16.64 -9.26 43.41
N ALA B 46 17.73 -9.70 44.04
CA ALA B 46 17.85 -11.05 44.57
C ALA B 46 18.41 -10.94 45.98
N CYS B 47 18.78 -12.07 46.57
CA CYS B 47 19.35 -12.10 47.90
C CYS B 47 20.67 -12.88 47.89
N TRP B 48 21.71 -12.21 48.39
CA TRP B 48 23.08 -12.68 48.30
C TRP B 48 23.42 -13.52 49.53
N CYS B 49 23.95 -14.72 49.29
CA CYS B 49 24.44 -15.59 50.35
C CYS B 49 25.79 -16.13 49.94
N ASN B 50 26.51 -16.70 50.91
CA ASN B 50 27.82 -17.29 50.70
C ASN B 50 27.85 -18.71 51.22
N ALA B 51 28.96 -19.39 51.00
CA ALA B 51 29.16 -20.80 51.37
C ALA B 51 28.10 -21.67 50.71
N LEU B 52 27.98 -21.52 49.40
CA LEU B 52 27.04 -22.25 48.57
C LEU B 52 27.78 -23.26 47.71
N PRO B 53 27.59 -24.57 47.96
CA PRO B 53 28.35 -25.57 47.21
C PRO B 53 27.95 -25.64 45.73
N ASP B 54 28.70 -26.39 44.94
CA ASP B 54 28.43 -26.47 43.51
C ASP B 54 27.18 -27.29 43.20
N ASN B 55 26.65 -28.02 44.18
CA ASN B 55 25.40 -28.74 43.98
C ASN B 55 24.23 -27.80 43.75
N VAL B 56 24.25 -26.62 44.36
CA VAL B 56 23.27 -25.58 44.08
C VAL B 56 23.90 -24.59 43.09
N GLY B 57 23.05 -23.79 42.46
CA GLY B 57 23.52 -22.82 41.49
C GLY B 57 23.53 -21.40 42.03
N ILE B 58 24.02 -20.49 41.19
CA ILE B 58 24.05 -19.06 41.47
C ILE B 58 23.41 -18.34 40.28
N ILE B 59 23.46 -17.02 40.31
CA ILE B 59 22.92 -16.25 39.19
C ILE B 59 23.82 -16.46 37.99
N VAL B 60 23.38 -17.30 37.06
CA VAL B 60 24.09 -17.57 35.82
C VAL B 60 23.44 -16.73 34.72
N GLU B 61 24.25 -16.04 33.94
CA GLU B 61 23.76 -15.05 32.99
C GLU B 61 23.91 -15.56 31.56
N GLY B 62 22.99 -15.13 30.70
CA GLY B 62 23.16 -15.29 29.28
C GLY B 62 22.01 -15.92 28.51
N GLU B 63 21.35 -16.92 29.10
CA GLU B 63 20.33 -17.65 28.32
C GLU B 63 18.98 -16.95 28.37
N LYS B 64 18.31 -16.99 29.53
CA LYS B 64 16.98 -16.43 29.74
C LYS B 64 16.58 -16.76 31.16
N CYS B 65 15.43 -16.24 31.57
CA CYS B 65 14.76 -16.71 32.78
C CYS B 65 13.67 -17.70 32.39
N HIS B 66 13.87 -18.97 32.73
CA HIS B 66 12.91 -20.01 32.39
C HIS B 66 12.70 -20.89 33.62
N SER B 67 11.43 -21.13 33.92
CA SER B 67 11.04 -21.88 35.11
C SER B 67 10.01 -22.96 34.77
#